data_6WM5
#
_entry.id   6WM5
#
_cell.length_a   78.338
_cell.length_b   60.241
_cell.length_c   85.377
_cell.angle_alpha   90.000
_cell.angle_beta   90.910
_cell.angle_gamma   90.000
#
_symmetry.space_group_name_H-M   'P 1 21 1'
#
loop_
_entity.id
_entity.type
_entity.pdbx_description
1 polymer 'AfCTD-Phosphatidylinositol-phosphate synthase (PIPS) fusion'
2 non-polymer 'CITRATE ANION'
3 non-polymer 'SODIUM ION'
4 non-polymer 'PHOSPHATE ION'
5 non-polymer "3,3',3''-phosphanetriyltripropanoic acid"
6 non-polymer '(2R)-2,3-dihydroxypropyl (9Z)-octadec-9-enoate'
7 non-polymer Octadecane
8 non-polymer GLYCEROL
9 non-polymer 1,2-DIMYRISTOYL-SN-GLYCERO-3-PHOSPHATE
10 water water
#
_entity_poly.entity_id   1
_entity_poly.type   'polypeptide(L)'
_entity_poly.pdbx_seq_one_letter_code
;MRLAYVKNHEIYGEKLLGLTLRERIEKTLQRAGFDVRFFDELSLEEAEDYLIILEPVLILERDLLLEGRKILVSDGFTVG
YFFGGDFRTVFDGNLQSSIEKYLSLNNLESYEIWAIKLSNDNLKTAEKLLLSSLIGSGSSKVPFLSRAAFARITLPLARA
LLRIGLTPDAVTIIGTTASVAGALVLFPMGKLFPGACVVWFFVLFDMLDGAMARLRSGGTRFGAVLDAACDRISDGAVFS
GLLWWIAFGMRDRLLVVATLTCLVTSQVISYIKARAEASGLRGDGGIIERPERLIIVLVGAGVSDFPFIAWPPALPVAMW
VLAVASVITLGQRLHTVWTSPGATDRIPATGGRTETQGHPEPGNPGKTQQ
;
_entity_poly.pdbx_strand_id   A,C
#
loop_
_chem_comp.id
_chem_comp.type
_chem_comp.name
_chem_comp.formula
8K6 non-polymer Octadecane 'C18 H38'
FLC non-polymer 'CITRATE ANION' 'C6 H5 O7 -3'
GOL non-polymer GLYCEROL 'C3 H8 O3'
NA non-polymer 'SODIUM ION' 'Na 1'
OLC non-polymer '(2R)-2,3-dihydroxypropyl (9Z)-octadec-9-enoate' 'C21 H40 O4'
PO4 non-polymer 'PHOSPHATE ION' 'O4 P -3'
TCE non-polymer '3,3',3''-phosphanetriyltripropanoic acid' 'C9 H15 O6 P'
XP4 non-polymer 1,2-DIMYRISTOYL-SN-GLYCERO-3-PHOSPHATE 'C31 H60 O8 P -1'
#
# COMPACT_ATOMS: atom_id res chain seq x y z
N MET A 1 43.17 -14.08 20.52
N MET A 1 43.28 -13.71 22.99
CA MET A 1 43.67 -13.11 21.48
CA MET A 1 43.71 -13.10 21.72
C MET A 1 42.96 -11.76 21.33
C MET A 1 43.04 -11.74 21.52
N ARG A 2 41.76 -11.65 21.88
CA ARG A 2 40.97 -10.44 21.82
CA ARG A 2 41.00 -10.42 21.82
C ARG A 2 40.62 -10.00 23.23
N LEU A 3 41.04 -8.78 23.59
CA LEU A 3 40.72 -8.21 24.90
C LEU A 3 39.85 -6.98 24.72
N ALA A 4 38.80 -6.88 25.53
CA ALA A 4 37.91 -5.73 25.54
C ALA A 4 38.03 -5.03 26.90
N TYR A 5 38.64 -3.86 26.91
CA TYR A 5 38.84 -3.09 28.13
C TYR A 5 37.70 -2.08 28.26
N VAL A 6 36.81 -2.30 29.23
CA VAL A 6 35.65 -1.45 29.46
C VAL A 6 35.90 -0.63 30.71
N LYS A 7 35.79 0.69 30.59
CA LYS A 7 35.99 1.56 31.74
C LYS A 7 34.77 1.51 32.65
N ASN A 8 35.01 1.38 33.95
CA ASN A 8 33.91 1.30 34.90
C ASN A 8 33.16 2.62 34.96
N HIS A 9 31.84 2.53 35.02
CA HIS A 9 31.00 3.70 35.13
C HIS A 9 29.90 3.45 36.15
N GLU A 10 29.35 4.56 36.64
CA GLU A 10 28.33 4.51 37.68
C GLU A 10 27.08 3.82 37.18
N ILE A 11 26.68 4.08 35.94
CA ILE A 11 25.41 3.62 35.42
C ILE A 11 25.41 2.12 35.08
N TYR A 12 26.59 1.52 34.91
CA TYR A 12 26.64 0.08 34.65
C TYR A 12 26.09 -0.73 35.82
N GLY A 13 25.98 -0.13 37.00
CA GLY A 13 25.36 -0.80 38.13
C GLY A 13 23.85 -0.81 38.11
N GLU A 14 23.25 0.04 37.29
CA GLU A 14 21.80 0.04 37.15
C GLU A 14 21.32 -1.24 36.45
N LYS A 15 20.12 -1.68 36.83
CA LYS A 15 19.49 -2.82 36.18
C LYS A 15 18.61 -2.35 35.03
N LEU A 16 18.45 -3.22 34.04
CA LEU A 16 17.57 -2.92 32.91
C LEU A 16 16.96 -4.22 32.42
N LEU A 17 15.64 -4.34 32.56
CA LEU A 17 14.90 -5.52 32.14
C LEU A 17 15.48 -6.79 32.79
N GLY A 18 15.67 -6.73 34.10
CA GLY A 18 16.08 -7.87 34.90
C GLY A 18 17.57 -8.04 35.07
N LEU A 19 18.37 -7.62 34.08
CA LEU A 19 19.82 -7.74 34.14
C LEU A 19 20.46 -6.37 34.22
N THR A 20 21.64 -6.32 34.84
CA THR A 20 22.39 -5.07 34.95
C THR A 20 23.09 -4.75 33.64
N LEU A 21 23.32 -3.45 33.42
CA LEU A 21 24.02 -3.02 32.21
C LEU A 21 25.45 -3.53 32.19
N ARG A 22 26.05 -3.74 33.36
N ARG A 22 26.06 -3.75 33.35
CA ARG A 22 27.40 -4.30 33.45
CA ARG A 22 27.40 -4.30 33.41
C ARG A 22 27.43 -5.69 32.81
C ARG A 22 27.44 -5.70 32.81
N GLU A 23 26.64 -6.62 33.37
CA GLU A 23 26.59 -7.97 32.83
C GLU A 23 26.10 -7.99 31.40
N ARG A 24 25.20 -7.07 31.04
CA ARG A 24 24.68 -7.03 29.68
C ARG A 24 25.80 -6.72 28.68
N ILE A 25 26.56 -5.66 28.91
CA ILE A 25 27.64 -5.35 27.97
C ILE A 25 28.73 -6.41 28.04
N GLU A 26 28.95 -7.00 29.23
CA GLU A 26 29.95 -8.06 29.34
C GLU A 26 29.60 -9.25 28.46
N LYS A 27 28.37 -9.74 28.57
CA LYS A 27 27.95 -10.88 27.76
C LYS A 27 27.91 -10.51 26.28
N THR A 28 27.51 -9.28 25.95
CA THR A 28 27.50 -8.86 24.55
C THR A 28 28.90 -8.93 23.95
N LEU A 29 29.89 -8.40 24.66
CA LEU A 29 31.25 -8.43 24.12
C LEU A 29 31.82 -9.85 24.12
N GLN A 30 31.44 -10.67 25.11
CA GLN A 30 31.89 -12.06 25.12
C GLN A 30 31.33 -12.84 23.94
N ARG A 31 30.08 -12.57 23.55
CA ARG A 31 29.52 -13.17 22.36
C ARG A 31 30.33 -12.83 21.11
N ALA A 32 30.94 -11.64 21.09
CA ALA A 32 31.77 -11.20 19.99
C ALA A 32 33.18 -11.78 20.03
N GLY A 33 33.47 -12.67 20.96
CA GLY A 33 34.78 -13.29 21.03
C GLY A 33 35.80 -12.53 21.84
N PHE A 34 35.38 -11.56 22.64
CA PHE A 34 36.28 -10.76 23.45
C PHE A 34 36.34 -11.31 24.88
N ASP A 35 37.52 -11.24 25.47
CA ASP A 35 37.70 -11.42 26.92
C ASP A 35 37.55 -10.05 27.58
N VAL A 36 36.59 -9.94 28.50
CA VAL A 36 36.19 -8.64 29.04
C VAL A 36 36.97 -8.32 30.30
N ARG A 37 37.50 -7.10 30.36
CA ARG A 37 38.24 -6.59 31.51
C ARG A 37 37.65 -5.23 31.85
N PHE A 38 37.03 -5.11 33.01
CA PHE A 38 36.63 -3.79 33.49
C PHE A 38 37.80 -3.13 34.19
N PHE A 39 37.89 -1.81 34.06
CA PHE A 39 39.04 -1.10 34.60
C PHE A 39 38.66 0.32 35.00
N ASP A 40 39.47 0.88 35.88
CA ASP A 40 39.50 2.31 36.19
C ASP A 40 40.77 2.98 35.72
N GLU A 41 41.91 2.32 35.90
CA GLU A 41 43.19 2.71 35.29
C GLU A 41 43.62 1.58 34.37
N LEU A 42 44.02 1.93 33.15
CA LEU A 42 44.19 0.94 32.10
C LEU A 42 45.54 0.25 32.21
N SER A 43 45.52 -1.08 32.21
CA SER A 43 46.73 -1.90 32.19
C SER A 43 46.61 -2.84 30.99
N LEU A 44 47.47 -2.63 29.99
CA LEU A 44 47.37 -3.31 28.70
C LEU A 44 48.09 -4.65 28.77
N GLU A 45 47.31 -5.72 28.94
CA GLU A 45 47.87 -7.05 28.76
C GLU A 45 48.17 -7.29 27.27
N GLU A 46 49.05 -8.25 27.02
CA GLU A 46 49.44 -8.54 25.64
C GLU A 46 48.29 -9.21 24.90
N ALA A 47 47.89 -8.63 23.76
CA ALA A 47 46.82 -9.18 22.97
C ALA A 47 47.02 -8.81 21.51
N GLU A 48 46.22 -9.42 20.64
CA GLU A 48 46.22 -9.10 19.22
C GLU A 48 45.27 -7.96 18.88
N ASP A 49 44.18 -7.84 19.62
CA ASP A 49 43.19 -6.79 19.41
C ASP A 49 42.82 -6.15 20.74
N TYR A 50 42.50 -4.86 20.68
CA TYR A 50 42.05 -4.13 21.86
C TYR A 50 40.76 -3.42 21.50
N LEU A 51 39.70 -3.71 22.24
CA LEU A 51 38.46 -2.94 22.17
C LEU A 51 38.35 -2.17 23.47
N ILE A 52 38.59 -0.87 23.40
CA ILE A 52 38.60 0.00 24.58
C ILE A 52 37.33 0.82 24.55
N ILE A 53 36.49 0.66 25.57
CA ILE A 53 35.21 1.36 25.68
C ILE A 53 35.29 2.28 26.88
N LEU A 54 35.21 3.58 26.62
CA LEU A 54 35.39 4.59 27.65
C LEU A 54 34.09 5.20 28.14
N GLU A 55 33.12 5.48 27.24
CA GLU A 55 31.85 6.01 27.70
C GLU A 55 30.90 4.89 28.08
N PRO A 56 29.96 5.13 29.01
CA PRO A 56 28.97 4.09 29.33
C PRO A 56 27.98 3.94 28.19
N VAL A 57 27.83 2.71 27.72
CA VAL A 57 27.09 2.43 26.50
C VAL A 57 26.31 1.13 26.64
N LEU A 58 25.13 1.10 26.04
CA LEU A 58 24.36 -0.13 25.86
C LEU A 58 24.44 -0.51 24.38
N ILE A 59 24.98 -1.69 24.10
CA ILE A 59 25.17 -2.16 22.73
C ILE A 59 23.93 -2.93 22.29
N LEU A 60 23.34 -2.52 21.17
CA LEU A 60 22.06 -3.05 20.71
C LEU A 60 22.22 -3.97 19.50
N GLU A 61 23.42 -4.49 19.24
CA GLU A 61 23.69 -5.37 18.13
C GLU A 61 24.02 -6.77 18.64
N ARG A 62 23.41 -7.78 18.03
CA ARG A 62 23.66 -9.16 18.46
C ARG A 62 25.01 -9.66 17.93
N ASP A 63 25.27 -9.45 16.65
CA ASP A 63 26.51 -9.88 16.01
C ASP A 63 27.39 -8.66 15.80
N LEU A 64 28.59 -8.67 16.39
CA LEU A 64 29.52 -7.55 16.33
C LEU A 64 30.83 -8.02 15.70
N LEU A 65 31.08 -7.59 14.47
CA LEU A 65 32.27 -7.96 13.73
C LEU A 65 33.19 -6.74 13.69
N LEU A 66 34.35 -6.85 14.32
CA LEU A 66 35.31 -5.76 14.39
C LEU A 66 36.61 -6.20 13.73
N GLU A 67 37.07 -5.40 12.78
CA GLU A 67 38.34 -5.70 12.08
C GLU A 67 39.10 -4.40 11.79
N GLY A 68 40.38 -4.53 11.50
CA GLY A 68 41.23 -3.38 11.20
C GLY A 68 41.44 -2.47 12.40
N ARG A 69 41.46 -1.17 12.12
CA ARG A 69 41.61 -0.13 13.14
C ARG A 69 40.46 0.85 12.99
N LYS A 70 39.63 0.97 14.02
CA LYS A 70 38.38 1.72 13.88
C LYS A 70 38.10 2.55 15.12
N ILE A 71 37.27 3.57 14.90
CA ILE A 71 36.68 4.37 15.95
C ILE A 71 35.19 4.05 15.94
N LEU A 72 34.72 3.38 17.00
CA LEU A 72 33.32 3.02 17.11
C LEU A 72 32.51 4.25 17.48
N VAL A 73 31.43 4.50 16.74
CA VAL A 73 30.63 5.70 16.93
C VAL A 73 29.16 5.31 17.07
N SER A 74 28.38 6.22 17.62
CA SER A 74 26.94 6.00 17.81
C SER A 74 26.26 7.37 17.89
N ASP A 75 25.48 7.70 16.86
CA ASP A 75 24.75 8.97 16.79
C ASP A 75 25.68 10.16 17.07
N GLY A 76 26.88 10.11 16.49
CA GLY A 76 27.85 11.17 16.64
C GLY A 76 28.77 11.05 17.84
N PHE A 77 28.40 10.27 18.85
CA PHE A 77 29.23 10.12 20.04
C PHE A 77 30.26 9.02 19.82
N THR A 78 31.52 9.31 20.15
CA THR A 78 32.59 8.33 20.05
C THR A 78 32.49 7.36 21.22
N VAL A 79 32.07 6.12 20.95
CA VAL A 79 31.88 5.14 22.00
C VAL A 79 33.21 4.54 22.44
N GLY A 80 33.95 3.98 21.50
CA GLY A 80 35.18 3.31 21.83
C GLY A 80 36.12 3.21 20.65
N TYR A 81 37.22 2.49 20.87
CA TYR A 81 38.28 2.34 19.88
C TYR A 81 38.65 0.88 19.71
N PHE A 82 38.88 0.48 18.46
CA PHE A 82 39.33 -0.88 18.14
C PHE A 82 40.73 -0.77 17.53
N PHE A 83 41.73 -1.05 18.35
CA PHE A 83 43.13 -0.96 17.96
C PHE A 83 43.76 -2.34 17.86
N GLY A 84 44.89 -2.39 17.17
CA GLY A 84 45.69 -3.59 17.15
C GLY A 84 46.54 -3.71 18.40
N GLY A 85 47.23 -4.83 18.51
CA GLY A 85 48.14 -5.02 19.63
C GLY A 85 49.27 -4.00 19.65
N ASP A 86 49.62 -3.47 18.48
CA ASP A 86 50.72 -2.50 18.41
C ASP A 86 50.45 -1.24 19.23
N PHE A 87 49.19 -1.00 19.60
CA PHE A 87 48.88 0.12 20.50
C PHE A 87 49.61 0.00 21.84
N ARG A 88 49.97 -1.21 22.26
CA ARG A 88 50.73 -1.35 23.48
C ARG A 88 52.11 -0.72 23.36
N THR A 89 52.65 -0.64 22.14
CA THR A 89 53.94 0.01 21.95
C THR A 89 53.82 1.53 22.05
N VAL A 90 52.61 2.06 21.89
CA VAL A 90 52.38 3.51 21.97
C VAL A 90 51.75 3.93 23.30
N PHE A 91 51.11 3.01 24.02
CA PHE A 91 50.45 3.36 25.27
C PHE A 91 51.49 3.62 26.35
N ASP A 92 51.58 4.88 26.80
CA ASP A 92 52.59 5.31 27.75
C ASP A 92 52.00 5.66 29.12
N GLY A 93 50.80 5.18 29.42
CA GLY A 93 50.19 5.43 30.70
C GLY A 93 49.09 6.48 30.65
N ASN A 94 49.26 7.50 29.82
CA ASN A 94 48.26 8.55 29.66
C ASN A 94 47.36 8.17 28.49
N LEU A 95 46.10 7.85 28.79
CA LEU A 95 45.24 7.23 27.79
C LEU A 95 44.91 8.19 26.66
N GLN A 96 44.57 9.43 26.98
CA GLN A 96 44.16 10.37 25.93
C GLN A 96 45.30 10.66 24.97
N SER A 97 46.50 10.92 25.52
CA SER A 97 47.64 11.21 24.66
C SER A 97 48.05 10.00 23.83
N SER A 98 48.00 8.80 24.42
CA SER A 98 48.29 7.59 23.66
C SER A 98 47.29 7.38 22.54
N ILE A 99 46.01 7.63 22.82
CA ILE A 99 44.98 7.47 21.79
C ILE A 99 45.20 8.44 20.66
N GLU A 100 45.47 9.72 20.98
CA GLU A 100 45.69 10.70 19.94
C GLU A 100 46.93 10.39 19.12
N LYS A 101 48.01 9.94 19.79
CA LYS A 101 49.22 9.56 19.08
C LYS A 101 48.95 8.40 18.14
N TYR A 102 48.24 7.37 18.62
CA TYR A 102 47.93 6.21 17.79
C TYR A 102 47.07 6.60 16.60
N LEU A 103 46.09 7.49 16.81
CA LEU A 103 45.28 7.96 15.70
C LEU A 103 46.11 8.73 14.69
N SER A 104 47.13 9.46 15.16
CA SER A 104 48.01 10.18 14.24
C SER A 104 48.94 9.24 13.49
N LEU A 105 49.32 8.11 14.09
CA LEU A 105 50.27 7.18 13.48
C LEU A 105 49.62 6.17 12.54
N ASN A 106 48.31 5.99 12.60
CA ASN A 106 47.66 4.91 11.88
C ASN A 106 46.49 5.46 11.07
N ASN A 107 45.98 4.61 10.17
CA ASN A 107 44.76 4.90 9.43
C ASN A 107 43.61 4.16 10.09
N LEU A 108 42.60 4.92 10.51
CA LEU A 108 41.43 4.34 11.15
C LEU A 108 40.18 4.82 10.42
N GLU A 109 39.17 3.97 10.42
CA GLU A 109 37.87 4.29 9.86
C GLU A 109 36.86 4.38 11.01
N SER A 110 35.74 5.04 10.75
CA SER A 110 34.66 5.04 11.73
C SER A 110 33.83 3.77 11.58
N TYR A 111 33.22 3.36 12.69
CA TYR A 111 32.42 2.14 12.73
C TYR A 111 31.11 2.47 13.43
N GLU A 112 30.06 2.71 12.64
CA GLU A 112 28.75 3.03 13.20
C GLU A 112 28.14 1.77 13.80
N ILE A 113 28.05 1.72 15.13
CA ILE A 113 27.46 0.60 15.84
C ILE A 113 26.10 1.04 16.34
N TRP A 114 25.14 0.10 16.33
N TRP A 114 25.14 0.11 16.35
CA TRP A 114 23.82 0.37 16.88
CA TRP A 114 23.81 0.39 16.88
C TRP A 114 23.94 0.26 18.40
C TRP A 114 23.90 0.26 18.40
N ALA A 115 24.12 1.39 19.06
CA ALA A 115 24.26 1.43 20.50
C ALA A 115 23.72 2.76 20.99
N ILE A 116 23.66 2.93 22.31
CA ILE A 116 23.19 4.17 22.90
C ILE A 116 24.06 4.49 24.11
N LYS A 117 24.58 5.71 24.16
CA LYS A 117 25.38 6.14 25.30
C LYS A 117 24.47 6.31 26.51
N LEU A 118 24.82 5.66 27.61
CA LEU A 118 23.94 5.61 28.77
C LEU A 118 24.17 6.83 29.64
N SER A 119 23.08 7.47 30.05
CA SER A 119 23.11 8.56 31.00
C SER A 119 21.96 8.39 31.97
N ASN A 120 21.96 9.23 33.01
CA ASN A 120 20.92 9.17 34.03
C ASN A 120 19.54 9.53 33.47
N ASP A 121 19.50 10.33 32.40
CA ASP A 121 18.25 10.90 31.91
C ASP A 121 17.71 10.26 30.63
N ASN A 122 18.31 9.15 30.17
CA ASN A 122 17.85 8.53 28.93
C ASN A 122 17.62 7.02 29.07
N LEU A 123 17.47 6.51 30.29
CA LEU A 123 17.32 5.07 30.48
C LEU A 123 16.00 4.54 29.92
N LYS A 124 14.95 5.35 29.90
CA LYS A 124 13.69 4.90 29.29
C LYS A 124 13.88 4.67 27.80
N THR A 125 14.60 5.58 27.12
CA THR A 125 14.93 5.37 25.72
C THR A 125 15.81 4.13 25.54
N ALA A 126 16.71 3.87 26.49
CA ALA A 126 17.52 2.66 26.42
C ALA A 126 16.64 1.42 26.49
N GLU A 127 15.61 1.44 27.35
CA GLU A 127 14.68 0.33 27.44
C GLU A 127 13.92 0.15 26.14
N LYS A 128 13.42 1.26 25.58
CA LYS A 128 12.68 1.18 24.31
C LYS A 128 13.56 0.65 23.19
N LEU A 129 14.81 1.11 23.11
CA LEU A 129 15.71 0.65 22.06
C LEU A 129 16.10 -0.82 22.26
N LEU A 130 16.26 -1.26 23.51
CA LEU A 130 16.54 -2.67 23.73
C LEU A 130 15.38 -3.55 23.28
N LEU A 131 14.15 -3.10 23.55
CA LEU A 131 12.99 -3.85 23.07
C LEU A 131 12.93 -3.85 21.55
N SER A 132 13.17 -2.70 20.92
CA SER A 132 13.23 -2.63 19.46
C SER A 132 14.29 -3.58 18.92
N SER A 133 15.45 -3.64 19.58
CA SER A 133 16.53 -4.51 19.14
C SER A 133 16.13 -5.97 19.23
N LEU A 134 15.38 -6.35 20.27
CA LEU A 134 14.99 -7.73 20.43
C LEU A 134 13.83 -8.14 19.53
N ILE A 135 13.22 -7.18 18.83
CA ILE A 135 12.10 -7.43 17.91
C ILE A 135 10.93 -8.07 18.66
N SER A 146 20.50 -7.63 8.24
CA SER A 146 20.63 -6.90 9.49
C SER A 146 20.64 -5.40 9.23
N ARG A 147 19.56 -4.72 9.64
CA ARG A 147 19.42 -3.29 9.39
C ARG A 147 20.63 -2.52 9.94
N ALA A 148 21.20 -2.97 11.05
CA ALA A 148 22.40 -2.33 11.58
C ALA A 148 23.59 -2.55 10.65
N ALA A 149 23.78 -3.78 10.16
CA ALA A 149 24.84 -4.03 9.19
C ALA A 149 24.57 -3.32 7.87
N PHE A 150 23.30 -3.23 7.47
CA PHE A 150 22.93 -2.44 6.30
C PHE A 150 23.40 -1.00 6.45
N ALA A 151 23.13 -0.40 7.62
CA ALA A 151 23.55 0.97 7.86
C ALA A 151 25.07 1.09 7.88
N ARG A 152 25.74 0.11 8.51
CA ARG A 152 27.19 0.16 8.66
C ARG A 152 27.90 -0.01 7.32
N ILE A 153 27.23 -0.58 6.33
CA ILE A 153 27.81 -0.74 5.00
C ILE A 153 27.44 0.44 4.11
N THR A 154 26.17 0.84 4.12
CA THR A 154 25.71 1.89 3.21
C THR A 154 26.22 3.27 3.61
N LEU A 155 26.41 3.53 4.91
CA LEU A 155 26.77 4.88 5.34
C LEU A 155 28.08 5.41 4.75
N PRO A 156 29.18 4.64 4.69
CA PRO A 156 30.39 5.20 4.05
C PRO A 156 30.20 5.46 2.56
N LEU A 157 29.48 4.58 1.87
CA LEU A 157 29.20 4.81 0.46
C LEU A 157 28.34 6.05 0.26
N ALA A 158 27.33 6.23 1.11
CA ALA A 158 26.50 7.43 1.04
C ALA A 158 27.32 8.68 1.29
N ARG A 159 28.22 8.62 2.28
CA ARG A 159 29.11 9.75 2.54
C ARG A 159 29.94 10.09 1.31
N ALA A 160 30.55 9.08 0.70
CA ALA A 160 31.40 9.32 -0.47
C ALA A 160 30.59 9.92 -1.61
N LEU A 161 29.40 9.38 -1.87
CA LEU A 161 28.58 9.88 -2.97
C LEU A 161 28.12 11.31 -2.73
N LEU A 162 27.76 11.64 -1.48
CA LEU A 162 27.40 13.02 -1.16
C LEU A 162 28.58 13.95 -1.36
N ARG A 163 29.78 13.50 -0.97
CA ARG A 163 30.94 14.39 -1.01
C ARG A 163 31.35 14.74 -2.43
N ILE A 164 31.06 13.87 -3.40
CA ILE A 164 31.45 14.15 -4.78
C ILE A 164 30.32 14.89 -5.49
N GLY A 165 29.32 15.34 -4.74
CA GLY A 165 28.29 16.23 -5.25
C GLY A 165 26.98 15.59 -5.66
N LEU A 166 26.82 14.28 -5.50
CA LEU A 166 25.57 13.63 -5.83
C LEU A 166 24.51 13.91 -4.77
N THR A 167 23.25 13.87 -5.18
CA THR A 167 22.12 14.01 -4.28
C THR A 167 21.36 12.69 -4.22
N PRO A 168 20.55 12.48 -3.18
CA PRO A 168 19.81 11.20 -3.10
C PRO A 168 18.92 10.94 -4.31
N ASP A 169 18.17 11.95 -4.76
CA ASP A 169 17.31 11.77 -5.92
C ASP A 169 18.12 11.53 -7.19
N ALA A 170 19.27 12.20 -7.32
CA ALA A 170 20.14 11.94 -8.46
C ALA A 170 20.60 10.50 -8.46
N VAL A 171 20.95 9.97 -7.28
CA VAL A 171 21.38 8.57 -7.20
C VAL A 171 20.23 7.64 -7.54
N THR A 172 19.01 7.98 -7.12
CA THR A 172 17.85 7.20 -7.50
C THR A 172 17.72 7.12 -9.02
N ILE A 173 17.82 8.26 -9.69
CA ILE A 173 17.66 8.30 -11.14
C ILE A 173 18.80 7.57 -11.83
N ILE A 174 20.03 7.73 -11.31
CA ILE A 174 21.18 7.07 -11.91
C ILE A 174 21.03 5.56 -11.83
N GLY A 175 20.70 5.05 -10.64
CA GLY A 175 20.54 3.62 -10.47
C GLY A 175 19.40 3.07 -11.29
N THR A 176 18.28 3.77 -11.33
CA THR A 176 17.14 3.29 -12.11
C THR A 176 17.46 3.29 -13.60
N THR A 177 18.13 4.33 -14.10
CA THR A 177 18.49 4.40 -15.50
C THR A 177 19.50 3.32 -15.87
N ALA A 178 20.47 3.06 -14.99
CA ALA A 178 21.44 2.02 -15.29
C ALA A 178 20.79 0.64 -15.24
N SER A 179 19.86 0.43 -14.32
N SER A 179 19.86 0.43 -14.32
CA SER A 179 19.16 -0.85 -14.23
CA SER A 179 19.17 -0.85 -14.24
C SER A 179 18.31 -1.09 -15.47
C SER A 179 18.30 -1.09 -15.47
N VAL A 180 17.57 -0.07 -15.92
CA VAL A 180 16.74 -0.25 -17.12
C VAL A 180 17.62 -0.41 -18.36
N ALA A 181 18.76 0.28 -18.42
CA ALA A 181 19.66 0.11 -19.56
C ALA A 181 20.20 -1.31 -19.61
N GLY A 182 20.71 -1.81 -18.48
CA GLY A 182 21.17 -3.17 -18.43
C GLY A 182 20.09 -4.17 -18.80
N ALA A 183 18.90 -4.01 -18.23
CA ALA A 183 17.81 -4.94 -18.50
C ALA A 183 17.40 -4.93 -19.97
N LEU A 184 17.24 -3.74 -20.54
CA LEU A 184 16.72 -3.64 -21.90
C LEU A 184 17.78 -3.85 -22.97
N VAL A 185 19.05 -3.83 -22.63
CA VAL A 185 20.13 -4.10 -23.57
C VAL A 185 20.59 -5.55 -23.49
N LEU A 186 20.87 -6.04 -22.29
CA LEU A 186 21.52 -7.33 -22.15
C LEU A 186 20.53 -8.49 -22.23
N PHE A 187 19.35 -8.35 -21.61
CA PHE A 187 18.35 -9.42 -21.65
C PHE A 187 17.86 -9.71 -23.07
N PRO A 188 17.49 -8.73 -23.89
CA PRO A 188 17.00 -9.07 -25.24
C PRO A 188 18.00 -9.80 -26.10
N MET A 189 19.30 -9.54 -25.94
CA MET A 189 20.30 -10.26 -26.72
C MET A 189 20.77 -11.55 -26.06
N GLY A 190 20.13 -11.97 -24.97
CA GLY A 190 20.37 -13.27 -24.38
C GLY A 190 21.46 -13.33 -23.34
N LYS A 191 22.04 -12.19 -22.97
CA LYS A 191 23.09 -12.18 -21.95
C LYS A 191 22.45 -12.07 -20.57
N LEU A 192 21.85 -13.18 -20.16
CA LEU A 192 21.03 -13.18 -18.95
C LEU A 192 21.88 -13.06 -17.70
N PHE A 193 23.04 -13.73 -17.67
CA PHE A 193 23.87 -13.67 -16.47
C PHE A 193 24.50 -12.29 -16.26
N PRO A 194 25.19 -11.68 -17.23
CA PRO A 194 25.70 -10.32 -16.99
C PRO A 194 24.59 -9.31 -16.79
N GLY A 195 23.45 -9.49 -17.46
CA GLY A 195 22.31 -8.63 -17.21
C GLY A 195 21.82 -8.71 -15.77
N ALA A 196 21.74 -9.94 -15.24
CA ALA A 196 21.35 -10.09 -13.84
C ALA A 196 22.33 -9.40 -12.91
N CYS A 197 23.64 -9.55 -13.17
CA CYS A 197 24.63 -8.90 -12.32
C CYS A 197 24.51 -7.38 -12.37
N VAL A 198 24.41 -6.81 -13.58
CA VAL A 198 24.31 -5.35 -13.71
C VAL A 198 23.06 -4.84 -13.03
N VAL A 199 21.92 -5.50 -13.28
CA VAL A 199 20.66 -5.07 -12.69
C VAL A 199 20.73 -5.12 -11.18
N TRP A 200 21.30 -6.19 -10.61
CA TRP A 200 21.41 -6.29 -9.16
C TRP A 200 22.30 -5.19 -8.60
N PHE A 201 23.46 -4.98 -9.22
CA PHE A 201 24.37 -3.94 -8.76
C PHE A 201 23.65 -2.60 -8.70
N PHE A 202 22.93 -2.27 -9.76
CA PHE A 202 22.36 -0.94 -9.80
C PHE A 202 21.05 -0.81 -9.02
N VAL A 203 20.37 -1.92 -8.71
CA VAL A 203 19.29 -1.87 -7.73
C VAL A 203 19.84 -1.56 -6.34
N LEU A 204 20.94 -2.22 -5.97
CA LEU A 204 21.62 -1.89 -4.71
C LEU A 204 22.06 -0.43 -4.72
N PHE A 205 22.56 0.05 -5.85
CA PHE A 205 22.96 1.45 -5.97
C PHE A 205 21.78 2.39 -5.74
N ASP A 206 20.66 2.09 -6.37
CA ASP A 206 19.45 2.94 -6.22
C ASP A 206 19.02 2.93 -4.74
N MET A 207 19.31 1.86 -4.00
CA MET A 207 18.89 1.82 -2.60
C MET A 207 19.65 2.82 -1.71
N LEU A 208 20.78 3.37 -2.17
CA LEU A 208 21.59 4.28 -1.34
C LEU A 208 20.95 5.64 -1.06
N ASP A 209 19.89 6.03 -1.77
CA ASP A 209 19.36 7.37 -1.60
C ASP A 209 18.83 7.59 -0.18
N GLY A 210 18.29 6.55 0.45
CA GLY A 210 17.78 6.71 1.81
C GLY A 210 18.88 7.05 2.80
N ALA A 211 20.00 6.32 2.72
CA ALA A 211 21.13 6.62 3.59
C ALA A 211 21.69 8.02 3.31
N MET A 212 21.77 8.39 2.03
CA MET A 212 22.27 9.72 1.68
C MET A 212 21.36 10.81 2.26
N ALA A 213 20.05 10.60 2.19
CA ALA A 213 19.12 11.58 2.77
C ALA A 213 19.24 11.62 4.28
N ARG A 214 19.49 10.47 4.91
CA ARG A 214 19.70 10.46 6.36
C ARG A 214 20.91 11.29 6.73
N LEU A 215 21.97 11.23 5.92
CA LEU A 215 23.15 12.03 6.20
C LEU A 215 22.90 13.52 5.99
N ARG A 216 21.94 13.87 5.13
CA ARG A 216 21.55 15.26 4.94
C ARG A 216 20.54 15.72 5.97
N SER A 217 20.38 14.96 7.06
CA SER A 217 19.43 15.27 8.13
C SER A 217 17.99 15.34 7.62
N GLY A 218 17.66 14.49 6.67
CA GLY A 218 16.30 14.47 6.17
C GLY A 218 16.08 14.37 4.67
N GLY A 219 15.09 13.57 4.29
CA GLY A 219 14.64 13.46 2.92
C GLY A 219 13.36 14.25 2.68
N THR A 220 12.81 14.08 1.49
CA THR A 220 11.58 14.76 1.11
C THR A 220 10.54 13.74 0.68
N ARG A 221 9.27 14.13 0.73
CA ARG A 221 8.21 13.27 0.24
C ARG A 221 8.34 13.03 -1.25
N PHE A 222 8.69 14.05 -2.02
CA PHE A 222 8.93 13.85 -3.44
C PHE A 222 10.00 12.78 -3.66
N GLY A 223 11.05 12.80 -2.84
CA GLY A 223 12.10 11.80 -2.99
C GLY A 223 11.61 10.38 -2.77
N ALA A 224 10.75 10.18 -1.78
CA ALA A 224 10.18 8.86 -1.53
C ALA A 224 9.28 8.41 -2.70
N VAL A 225 8.41 9.30 -3.16
CA VAL A 225 7.55 8.98 -4.29
C VAL A 225 8.39 8.62 -5.50
N LEU A 226 9.45 9.39 -5.75
CA LEU A 226 10.32 9.14 -6.90
C LEU A 226 11.01 7.80 -6.77
N ASP A 227 11.51 7.48 -5.57
CA ASP A 227 12.19 6.20 -5.35
C ASP A 227 11.26 5.03 -5.63
N ALA A 228 10.00 5.13 -5.19
CA ALA A 228 9.05 4.03 -5.38
C ALA A 228 8.61 3.91 -6.85
N ALA A 229 8.30 5.04 -7.49
CA ALA A 229 7.92 4.99 -8.91
C ALA A 229 9.07 4.46 -9.75
N CYS A 230 10.31 4.80 -9.39
CA CYS A 230 11.47 4.26 -10.08
C CYS A 230 11.61 2.76 -9.84
N ASP A 231 11.28 2.30 -8.63
CA ASP A 231 11.20 0.85 -8.40
C ASP A 231 10.25 0.19 -9.39
N ARG A 232 9.07 0.79 -9.59
CA ARG A 232 8.11 0.22 -10.54
C ARG A 232 8.66 0.21 -11.96
N ILE A 233 9.32 1.30 -12.35
CA ILE A 233 9.90 1.38 -13.69
C ILE A 233 10.98 0.32 -13.88
N SER A 234 11.84 0.14 -12.88
CA SER A 234 12.91 -0.84 -12.96
C SER A 234 12.37 -2.26 -13.01
N ASP A 235 11.35 -2.57 -12.21
CA ASP A 235 10.74 -3.91 -12.27
C ASP A 235 10.10 -4.15 -13.63
N GLY A 236 9.36 -3.15 -14.14
CA GLY A 236 8.80 -3.28 -15.47
C GLY A 236 9.86 -3.56 -16.53
N ALA A 237 11.01 -2.89 -16.42
CA ALA A 237 12.06 -3.07 -17.42
C ALA A 237 12.71 -4.45 -17.31
N VAL A 238 13.01 -4.90 -16.08
CA VAL A 238 13.54 -6.25 -15.91
C VAL A 238 12.63 -7.26 -16.56
N PHE A 239 11.34 -7.21 -16.24
CA PHE A 239 10.41 -8.20 -16.78
C PHE A 239 10.22 -8.04 -18.28
N SER A 240 10.27 -6.81 -18.81
CA SER A 240 10.09 -6.61 -20.24
C SER A 240 11.28 -7.13 -21.04
N GLY A 241 12.50 -6.92 -20.54
CA GLY A 241 13.67 -7.47 -21.22
C GLY A 241 13.72 -8.98 -21.18
N LEU A 242 13.39 -9.56 -20.01
CA LEU A 242 13.27 -11.01 -19.95
C LEU A 242 12.20 -11.52 -20.91
N LEU A 243 11.06 -10.83 -20.98
CA LEU A 243 10.00 -11.24 -21.88
C LEU A 243 10.45 -11.17 -23.33
N TRP A 244 11.19 -10.11 -23.69
CA TRP A 244 11.69 -10.02 -25.06
C TRP A 244 12.55 -11.24 -25.39
N TRP A 245 13.48 -11.58 -24.49
CA TRP A 245 14.32 -12.74 -24.75
C TRP A 245 13.49 -14.02 -24.84
N ILE A 246 12.50 -14.17 -23.96
CA ILE A 246 11.76 -15.43 -23.90
C ILE A 246 10.86 -15.58 -25.12
N ALA A 247 10.29 -14.48 -25.60
CA ALA A 247 9.34 -14.52 -26.72
C ALA A 247 10.06 -14.61 -28.06
N PHE A 248 11.12 -13.82 -28.24
CA PHE A 248 11.76 -13.74 -29.54
C PHE A 248 13.10 -14.46 -29.61
N GLY A 249 13.75 -14.71 -28.48
CA GLY A 249 14.96 -15.50 -28.46
C GLY A 249 14.66 -16.98 -28.31
N MET A 250 13.96 -17.33 -27.24
CA MET A 250 13.59 -18.72 -26.99
C MET A 250 12.33 -19.15 -27.76
N ARG A 251 11.43 -18.20 -28.05
CA ARG A 251 10.18 -18.48 -28.75
C ARG A 251 9.30 -19.46 -27.95
N ASP A 252 9.12 -19.15 -26.67
CA ASP A 252 8.45 -20.01 -25.70
C ASP A 252 7.16 -19.35 -25.22
N ARG A 253 6.01 -19.85 -25.69
CA ARG A 253 4.75 -19.17 -25.43
C ARG A 253 4.26 -19.38 -23.99
N LEU A 254 4.41 -20.58 -23.46
CA LEU A 254 4.00 -20.81 -22.07
C LEU A 254 4.79 -19.93 -21.12
N LEU A 255 6.10 -19.84 -21.35
CA LEU A 255 6.93 -18.99 -20.50
C LEU A 255 6.58 -17.52 -20.65
N VAL A 256 6.10 -17.07 -21.82
N VAL A 256 6.12 -17.09 -21.83
CA VAL A 256 5.71 -15.67 -21.86
CA VAL A 256 5.64 -15.73 -22.01
C VAL A 256 4.37 -15.45 -21.16
C VAL A 256 4.40 -15.48 -21.16
N VAL A 257 3.52 -16.48 -21.08
CA VAL A 257 2.35 -16.37 -20.22
C VAL A 257 2.78 -16.14 -18.77
N ALA A 258 3.76 -16.93 -18.31
CA ALA A 258 4.28 -16.75 -16.95
C ALA A 258 4.93 -15.38 -16.75
N THR A 259 5.67 -14.91 -17.76
CA THR A 259 6.39 -13.63 -17.64
C THR A 259 5.43 -12.44 -17.62
N LEU A 260 4.40 -12.46 -18.46
CA LEU A 260 3.38 -11.42 -18.44
C LEU A 260 2.65 -11.41 -17.11
N THR A 261 2.40 -12.60 -16.59
CA THR A 261 1.72 -12.69 -15.26
C THR A 261 2.63 -12.03 -14.23
N CYS A 262 3.92 -12.37 -14.24
CA CYS A 262 4.85 -11.78 -13.27
C CYS A 262 4.87 -10.27 -13.36
N LEU A 263 4.96 -9.74 -14.58
CA LEU A 263 5.04 -8.30 -14.77
C LEU A 263 3.80 -7.60 -14.20
N VAL A 264 2.63 -8.01 -14.68
CA VAL A 264 1.39 -7.34 -14.28
C VAL A 264 1.16 -7.48 -12.78
N THR A 265 1.33 -8.70 -12.26
CA THR A 265 1.06 -8.90 -10.83
C THR A 265 2.05 -8.14 -9.96
N SER A 266 3.32 -7.99 -10.37
CA SER A 266 4.24 -7.22 -9.55
C SER A 266 3.83 -5.75 -9.50
N GLN A 267 3.40 -5.21 -10.65
CA GLN A 267 2.90 -3.84 -10.66
C GLN A 267 1.68 -3.70 -9.74
N VAL A 268 0.74 -4.63 -9.84
CA VAL A 268 -0.49 -4.50 -9.05
C VAL A 268 -0.22 -4.74 -7.56
N ILE A 269 0.71 -5.64 -7.23
CA ILE A 269 1.05 -5.86 -5.84
C ILE A 269 1.58 -4.59 -5.21
N SER A 270 2.46 -3.86 -5.90
CA SER A 270 2.93 -2.61 -5.32
C SER A 270 1.80 -1.57 -5.28
N TYR A 271 0.97 -1.55 -6.33
CA TYR A 271 -0.11 -0.58 -6.40
C TYR A 271 -1.10 -0.75 -5.26
N ILE A 272 -1.37 -1.98 -4.85
CA ILE A 272 -2.33 -2.22 -3.78
C ILE A 272 -1.89 -1.53 -2.50
N LYS A 273 -0.62 -1.70 -2.14
CA LYS A 273 -0.11 -1.06 -0.93
C LYS A 273 -0.18 0.46 -1.05
N ALA A 274 0.26 1.00 -2.19
CA ALA A 274 0.20 2.46 -2.37
C ALA A 274 -1.22 2.99 -2.25
N ARG A 275 -2.18 2.32 -2.90
CA ARG A 275 -3.55 2.82 -2.94
C ARG A 275 -4.23 2.67 -1.59
N ALA A 276 -3.97 1.55 -0.90
CA ALA A 276 -4.53 1.36 0.44
C ALA A 276 -4.02 2.44 1.38
N GLU A 277 -2.73 2.77 1.31
CA GLU A 277 -2.22 3.84 2.15
C GLU A 277 -2.78 5.20 1.73
N ALA A 278 -3.08 5.38 0.45
CA ALA A 278 -3.72 6.62 0.03
C ALA A 278 -5.12 6.76 0.61
N SER A 279 -5.83 5.66 0.81
CA SER A 279 -7.13 5.72 1.46
C SER A 279 -7.05 5.61 2.98
N GLY A 280 -5.84 5.59 3.55
CA GLY A 280 -5.69 5.48 4.99
C GLY A 280 -5.75 4.08 5.54
N LEU A 281 -5.48 3.07 4.72
CA LEU A 281 -5.52 1.67 5.11
C LEU A 281 -4.15 1.04 4.90
N ARG A 282 -4.02 -0.21 5.32
CA ARG A 282 -2.81 -0.99 5.12
C ARG A 282 -2.97 -1.88 3.91
N GLY A 283 -1.86 -2.14 3.23
CA GLY A 283 -1.85 -2.98 2.05
C GLY A 283 -0.58 -3.77 1.91
N ASP A 284 0.21 -3.82 2.98
CA ASP A 284 1.49 -4.51 2.97
C ASP A 284 1.29 -6.00 3.16
N GLY A 285 2.40 -6.73 3.32
CA GLY A 285 2.36 -8.16 3.57
C GLY A 285 2.60 -8.96 2.31
N GLY A 286 2.33 -10.27 2.43
CA GLY A 286 2.51 -11.17 1.31
C GLY A 286 3.79 -11.99 1.44
N ILE A 287 3.80 -13.11 0.72
CA ILE A 287 4.97 -14.00 0.77
C ILE A 287 6.13 -13.43 -0.05
N ILE A 288 5.83 -12.77 -1.17
CA ILE A 288 6.87 -12.27 -2.06
C ILE A 288 6.74 -10.76 -2.17
N GLU A 289 7.67 -10.05 -1.55
CA GLU A 289 7.82 -8.61 -1.70
C GLU A 289 8.91 -8.34 -2.73
N ARG A 290 9.21 -7.06 -2.96
CA ARG A 290 10.14 -6.71 -4.03
C ARG A 290 11.50 -7.38 -3.90
N PRO A 291 12.18 -7.38 -2.74
CA PRO A 291 13.50 -8.04 -2.69
C PRO A 291 13.47 -9.52 -3.04
N GLU A 292 12.51 -10.26 -2.48
CA GLU A 292 12.43 -11.70 -2.78
C GLU A 292 12.08 -11.90 -4.25
N ARG A 293 11.19 -11.06 -4.78
N ARG A 293 11.20 -11.06 -4.78
CA ARG A 293 10.76 -11.14 -6.20
CA ARG A 293 10.77 -11.16 -6.20
C ARG A 293 11.98 -10.94 -7.12
C ARG A 293 11.97 -10.93 -7.13
N LEU A 294 12.78 -9.91 -6.85
CA LEU A 294 13.97 -9.61 -7.67
C LEU A 294 14.99 -10.75 -7.54
N ILE A 295 15.22 -11.24 -6.32
CA ILE A 295 16.24 -12.30 -6.12
C ILE A 295 15.81 -13.55 -6.90
N ILE A 296 14.54 -13.93 -6.83
CA ILE A 296 14.08 -15.17 -7.52
C ILE A 296 14.23 -15.03 -9.04
N VAL A 297 13.79 -13.92 -9.61
CA VAL A 297 13.88 -13.79 -11.10
C VAL A 297 15.34 -13.67 -11.56
N LEU A 298 16.15 -12.87 -10.86
CA LEU A 298 17.57 -12.66 -11.23
C LEU A 298 18.41 -13.93 -11.04
N VAL A 299 18.18 -14.66 -9.95
CA VAL A 299 18.92 -15.93 -9.74
C VAL A 299 18.50 -16.89 -10.85
N GLY A 300 17.21 -16.94 -11.18
CA GLY A 300 16.74 -17.84 -12.24
C GLY A 300 17.38 -17.48 -13.56
N ALA A 301 17.44 -16.19 -13.90
CA ALA A 301 18.08 -15.77 -15.16
C ALA A 301 19.58 -16.07 -15.11
N GLY A 302 20.24 -15.74 -14.00
CA GLY A 302 21.69 -15.95 -13.88
C GLY A 302 22.07 -17.42 -13.97
N VAL A 303 21.32 -18.28 -13.28
CA VAL A 303 21.60 -19.74 -13.29
C VAL A 303 21.38 -20.26 -14.72
N SER A 304 20.34 -19.77 -15.39
CA SER A 304 20.00 -20.20 -16.77
C SER A 304 21.14 -19.87 -17.76
N ASP A 305 21.88 -18.80 -17.53
CA ASP A 305 23.02 -18.40 -18.40
C ASP A 305 24.36 -18.48 -17.66
N PHE A 306 24.46 -19.25 -16.58
CA PHE A 306 25.72 -19.30 -15.78
C PHE A 306 26.88 -19.78 -16.67
N PRO A 307 28.11 -19.23 -16.55
CA PRO A 307 29.19 -19.65 -17.41
C PRO A 307 29.56 -21.11 -17.14
N PHE A 308 29.81 -21.89 -18.21
CA PHE A 308 30.30 -23.31 -18.18
C PHE A 308 29.25 -24.35 -17.75
N ILE A 309 28.51 -24.11 -16.67
CA ILE A 309 27.54 -25.11 -16.13
C ILE A 309 26.16 -24.48 -15.97
N ALA A 310 25.68 -23.78 -17.00
CA ALA A 310 24.33 -23.16 -16.93
C ALA A 310 23.27 -24.24 -16.81
N TRP A 311 22.23 -23.96 -16.02
CA TRP A 311 21.05 -24.86 -15.96
C TRP A 311 19.88 -24.05 -16.54
N PRO A 312 19.55 -24.23 -17.84
CA PRO A 312 18.51 -23.46 -18.54
C PRO A 312 17.10 -23.51 -17.91
N PRO A 313 16.64 -24.64 -17.34
CA PRO A 313 15.33 -24.73 -16.68
C PRO A 313 15.13 -23.85 -15.43
N ALA A 314 16.20 -23.28 -14.86
CA ALA A 314 16.11 -22.35 -13.72
C ALA A 314 15.26 -21.14 -14.12
N LEU A 315 15.39 -20.63 -15.36
CA LEU A 315 14.56 -19.46 -15.74
C LEU A 315 13.07 -19.80 -15.69
N PRO A 316 12.58 -20.89 -16.31
CA PRO A 316 11.16 -21.24 -16.22
C PRO A 316 10.73 -21.54 -14.78
N VAL A 317 11.55 -22.28 -14.04
CA VAL A 317 11.16 -22.65 -12.65
C VAL A 317 10.98 -21.36 -11.84
N ALA A 318 11.94 -20.43 -11.94
CA ALA A 318 11.83 -19.18 -11.16
C ALA A 318 10.59 -18.41 -11.61
N MET A 319 10.36 -18.32 -12.92
CA MET A 319 9.23 -17.52 -13.44
C MET A 319 7.89 -18.11 -13.00
N TRP A 320 7.73 -19.43 -13.09
CA TRP A 320 6.46 -20.09 -12.71
C TRP A 320 6.21 -19.99 -11.20
N VAL A 321 7.24 -20.25 -10.40
CA VAL A 321 7.07 -20.20 -8.93
C VAL A 321 6.69 -18.76 -8.57
N LEU A 322 7.40 -17.79 -9.14
CA LEU A 322 7.13 -16.36 -8.83
C LEU A 322 5.70 -16.03 -9.25
N ALA A 323 5.27 -16.51 -10.42
CA ALA A 323 3.91 -16.26 -10.93
C ALA A 323 2.90 -16.71 -9.86
N VAL A 324 2.98 -17.97 -9.43
CA VAL A 324 2.06 -18.43 -8.40
C VAL A 324 2.26 -17.60 -7.14
N ALA A 325 3.52 -17.40 -6.75
CA ALA A 325 3.82 -16.68 -5.53
C ALA A 325 3.34 -15.24 -5.62
N SER A 326 3.23 -14.71 -6.82
CA SER A 326 2.74 -13.34 -6.94
C SER A 326 1.22 -13.33 -6.82
N VAL A 327 0.54 -14.25 -7.51
CA VAL A 327 -0.92 -14.29 -7.44
C VAL A 327 -1.36 -14.38 -6.00
N ILE A 328 -0.77 -15.32 -5.25
CA ILE A 328 -1.07 -15.47 -3.84
C ILE A 328 -0.85 -14.16 -3.10
N THR A 329 0.32 -13.52 -3.31
CA THR A 329 0.61 -12.27 -2.64
C THR A 329 -0.47 -11.23 -2.96
N LEU A 330 -0.91 -11.19 -4.21
CA LEU A 330 -1.95 -10.23 -4.59
C LEU A 330 -3.20 -10.45 -3.76
N GLY A 331 -3.58 -11.71 -3.52
CA GLY A 331 -4.69 -11.96 -2.63
C GLY A 331 -4.38 -11.54 -1.21
N GLN A 332 -3.18 -11.88 -0.73
CA GLN A 332 -2.83 -11.62 0.67
C GLN A 332 -2.95 -10.13 0.98
N ARG A 333 -2.31 -9.29 0.15
CA ARG A 333 -2.39 -7.85 0.36
C ARG A 333 -3.83 -7.36 0.37
N LEU A 334 -4.66 -7.91 -0.52
CA LEU A 334 -6.07 -7.53 -0.51
C LEU A 334 -6.70 -7.85 0.84
N HIS A 335 -6.40 -9.04 1.38
CA HIS A 335 -6.86 -9.39 2.71
C HIS A 335 -6.41 -8.35 3.72
N THR A 336 -5.16 -7.89 3.62
CA THR A 336 -4.69 -6.84 4.51
C THR A 336 -5.60 -5.62 4.42
N VAL A 337 -5.87 -5.16 3.20
CA VAL A 337 -6.77 -4.02 3.04
C VAL A 337 -8.12 -4.34 3.65
N TRP A 338 -8.59 -5.59 3.45
CA TRP A 338 -9.90 -5.98 3.96
C TRP A 338 -9.95 -5.96 5.48
N THR A 339 -8.82 -6.22 6.15
CA THR A 339 -8.84 -6.29 7.60
C THR A 339 -8.33 -5.01 8.26
N SER A 340 -7.99 -4.00 7.48
CA SER A 340 -7.55 -2.74 8.07
C SER A 340 -8.72 -2.03 8.74
N PRO A 341 -8.49 -1.42 9.91
CA PRO A 341 -9.56 -0.67 10.57
C PRO A 341 -10.12 0.42 9.68
N GLY A 342 -11.45 0.48 9.60
CA GLY A 342 -12.13 1.43 8.76
C GLY A 342 -12.28 1.02 7.31
N ALA A 343 -11.88 -0.20 6.96
CA ALA A 343 -11.95 -0.63 5.56
C ALA A 343 -13.40 -0.74 5.10
N THR A 344 -14.23 -1.46 5.85
CA THR A 344 -15.62 -1.67 5.48
C THR A 344 -16.54 -0.59 6.05
N ASP A 345 -15.98 0.50 6.55
CA ASP A 345 -16.78 1.60 7.04
C ASP A 345 -17.48 2.29 5.86
N ARG A 346 -18.76 2.62 6.06
CA ARG A 346 -19.55 3.24 5.00
C ARG A 346 -19.20 4.72 4.87
N ILE A 347 -19.08 5.18 3.63
CA ILE A 347 -18.81 6.59 3.36
C ILE A 347 -20.06 7.27 2.85
N MET B 1 -29.15 10.49 27.38
CA MET B 1 -29.39 9.62 26.24
C MET B 1 -30.84 9.70 25.77
N ARG B 2 -31.07 9.41 24.49
N ARG B 2 -31.07 9.41 24.49
CA ARG B 2 -32.40 9.42 23.90
CA ARG B 2 -32.40 9.42 23.90
C ARG B 2 -32.63 8.10 23.18
C ARG B 2 -32.63 8.10 23.19
N LEU B 3 -33.78 7.49 23.45
CA LEU B 3 -34.15 6.18 22.92
C LEU B 3 -35.20 6.31 21.84
N ALA B 4 -35.03 5.53 20.77
CA ALA B 4 -36.00 5.46 19.68
C ALA B 4 -36.60 4.06 19.69
N TYR B 5 -37.85 3.95 20.13
CA TYR B 5 -38.54 2.67 20.20
C TYR B 5 -39.32 2.45 18.91
N VAL B 6 -38.88 1.50 18.10
CA VAL B 6 -39.48 1.18 16.82
C VAL B 6 -40.23 -0.14 16.94
N LYS B 7 -41.50 -0.14 16.57
CA LYS B 7 -42.28 -1.38 16.65
C LYS B 7 -41.85 -2.31 15.52
N ASN B 8 -41.60 -3.57 15.85
CA ASN B 8 -41.13 -4.53 14.86
C ASN B 8 -42.24 -4.89 13.88
N HIS B 9 -41.87 -4.97 12.60
CA HIS B 9 -42.80 -5.35 11.55
C HIS B 9 -42.10 -6.33 10.62
N GLU B 10 -42.89 -7.16 9.94
CA GLU B 10 -42.31 -8.11 9.02
C GLU B 10 -41.67 -7.42 7.83
N ILE B 11 -42.23 -6.28 7.40
CA ILE B 11 -41.79 -5.63 6.19
C ILE B 11 -40.42 -4.97 6.36
N TYR B 12 -39.99 -4.71 7.61
CA TYR B 12 -38.65 -4.16 7.81
C TYR B 12 -37.57 -5.15 7.36
N GLY B 13 -37.92 -6.42 7.19
CA GLY B 13 -36.97 -7.38 6.67
C GLY B 13 -36.77 -7.33 5.18
N GLU B 14 -37.66 -6.66 4.46
CA GLU B 14 -37.51 -6.49 3.02
C GLU B 14 -36.34 -5.57 2.71
N LYS B 15 -35.62 -5.91 1.64
CA LYS B 15 -34.52 -5.09 1.17
C LYS B 15 -35.01 -4.11 0.12
N LEU B 16 -34.55 -2.86 0.26
CA LEU B 16 -34.75 -1.83 -0.76
C LEU B 16 -33.38 -1.25 -1.10
N LEU B 17 -32.96 -1.42 -2.35
CA LEU B 17 -31.66 -0.95 -2.83
C LEU B 17 -30.51 -1.53 -1.98
N GLY B 18 -30.54 -2.84 -1.77
CA GLY B 18 -29.45 -3.53 -1.13
C GLY B 18 -29.53 -3.61 0.39
N LEU B 19 -30.20 -2.66 1.03
CA LEU B 19 -30.30 -2.64 2.48
C LEU B 19 -31.73 -2.92 2.93
N THR B 20 -31.86 -3.52 4.11
CA THR B 20 -33.17 -3.78 4.68
C THR B 20 -33.75 -2.50 5.26
N LEU B 21 -35.08 -2.44 5.29
CA LEU B 21 -35.75 -1.27 5.87
C LEU B 21 -35.45 -1.14 7.36
N ARG B 22 -35.31 -2.27 8.06
CA ARG B 22 -34.90 -2.22 9.46
C ARG B 22 -33.56 -1.53 9.61
N GLU B 23 -32.55 -1.99 8.87
CA GLU B 23 -31.22 -1.41 8.96
C GLU B 23 -31.20 0.03 8.47
N ARG B 24 -32.00 0.33 7.45
CA ARG B 24 -32.06 1.69 6.93
C ARG B 24 -32.59 2.66 8.00
N ILE B 25 -33.73 2.33 8.59
CA ILE B 25 -34.29 3.22 9.62
C ILE B 25 -33.40 3.24 10.84
N GLU B 26 -32.74 2.12 11.15
CA GLU B 26 -31.84 2.08 12.29
C GLU B 26 -30.70 3.07 12.12
N LYS B 27 -30.03 3.03 10.96
CA LYS B 27 -28.93 3.96 10.70
C LYS B 27 -29.42 5.40 10.63
N THR B 28 -30.61 5.61 10.06
CA THR B 28 -31.16 6.96 9.98
C THR B 28 -31.37 7.55 11.36
N LEU B 29 -31.98 6.78 12.28
CA LEU B 29 -32.22 7.30 13.62
C LEU B 29 -30.94 7.40 14.42
N GLN B 30 -29.97 6.51 14.18
CA GLN B 30 -28.69 6.64 14.86
C GLN B 30 -28.00 7.93 14.45
N ARG B 31 -28.12 8.31 13.18
CA ARG B 31 -27.59 9.60 12.75
C ARG B 31 -28.23 10.75 13.53
N ALA B 32 -29.49 10.59 13.94
CA ALA B 32 -30.17 11.60 14.74
C ALA B 32 -29.80 11.55 16.21
N GLY B 33 -28.88 10.67 16.60
CA GLY B 33 -28.43 10.59 17.98
C GLY B 33 -29.25 9.69 18.88
N PHE B 34 -30.10 8.84 18.33
CA PHE B 34 -30.94 7.96 19.12
C PHE B 34 -30.32 6.57 19.23
N ASP B 35 -30.51 5.94 20.39
CA ASP B 35 -30.25 4.52 20.52
C ASP B 35 -31.53 3.78 20.14
N VAL B 36 -31.45 2.93 19.13
CA VAL B 36 -32.64 2.35 18.52
C VAL B 36 -32.93 1.00 19.17
N ARG B 37 -34.19 0.80 19.55
CA ARG B 37 -34.65 -0.46 20.16
C ARG B 37 -35.92 -0.91 19.46
N PHE B 38 -35.87 -2.07 18.82
CA PHE B 38 -37.06 -2.67 18.23
C PHE B 38 -37.85 -3.41 19.31
N PHE B 39 -39.17 -3.38 19.16
CA PHE B 39 -40.03 -3.96 20.19
C PHE B 39 -41.32 -4.47 19.58
N ASP B 40 -41.97 -5.38 20.32
CA ASP B 40 -43.35 -5.76 20.10
C ASP B 40 -44.27 -5.33 21.25
N GLU B 41 -43.83 -5.52 22.50
CA GLU B 41 -44.49 -4.95 23.66
C GLU B 41 -43.48 -4.04 24.36
N LEU B 42 -43.92 -2.84 24.73
CA LEU B 42 -42.99 -1.78 25.12
C LEU B 42 -42.57 -1.90 26.58
N SER B 43 -41.26 -1.84 26.81
CA SER B 43 -40.67 -1.77 28.15
C SER B 43 -39.78 -0.53 28.17
N LEU B 44 -40.18 0.47 28.96
CA LEU B 44 -39.56 1.79 28.90
C LEU B 44 -38.30 1.81 29.74
N GLU B 45 -37.15 1.70 29.10
CA GLU B 45 -35.89 1.95 29.78
C GLU B 45 -35.77 3.44 30.10
N GLU B 46 -34.91 3.76 31.07
CA GLU B 46 -34.76 5.14 31.49
C GLU B 46 -34.00 5.93 30.43
N ALA B 47 -34.61 7.03 29.98
CA ALA B 47 -33.99 7.90 28.99
C ALA B 47 -34.49 9.32 29.18
N GLU B 48 -33.85 10.26 28.49
CA GLU B 48 -34.27 11.65 28.54
C GLU B 48 -35.32 11.98 27.48
N ASP B 49 -35.26 11.34 26.33
CA ASP B 49 -36.21 11.55 25.25
C ASP B 49 -36.63 10.20 24.68
N TYR B 50 -37.86 10.14 24.19
CA TYR B 50 -38.42 8.94 23.58
C TYR B 50 -38.96 9.28 22.20
N LEU B 51 -38.49 8.56 21.20
CA LEU B 51 -39.03 8.61 19.84
C LEU B 51 -39.74 7.28 19.59
N ILE B 52 -41.07 7.31 19.55
CA ILE B 52 -41.88 6.11 19.41
C ILE B 52 -42.42 6.05 18.00
N ILE B 53 -42.03 4.99 17.28
CA ILE B 53 -42.47 4.75 15.90
C ILE B 53 -43.27 3.46 15.89
N LEU B 54 -44.56 3.55 15.56
CA LEU B 54 -45.46 2.41 15.62
C LEU B 54 -45.75 1.79 14.26
N GLU B 55 -45.96 2.62 13.23
CA GLU B 55 -46.19 2.06 11.90
C GLU B 55 -44.85 1.82 11.19
N PRO B 56 -44.80 0.86 10.26
CA PRO B 56 -43.56 0.68 9.49
C PRO B 56 -43.37 1.85 8.53
N VAL B 57 -42.19 2.46 8.60
CA VAL B 57 -41.95 3.71 7.90
C VAL B 57 -40.53 3.74 7.33
N LEU B 58 -40.39 4.37 6.17
CA LEU B 58 -39.10 4.69 5.59
C LEU B 58 -38.91 6.20 5.73
N ILE B 59 -37.84 6.59 6.43
CA ILE B 59 -37.53 8.00 6.65
C ILE B 59 -36.60 8.45 5.54
N LEU B 60 -36.98 9.51 4.83
CA LEU B 60 -36.28 9.96 3.64
C LEU B 60 -35.50 11.25 3.87
N GLU B 61 -35.25 11.62 5.13
CA GLU B 61 -34.52 12.84 5.46
C GLU B 61 -33.18 12.49 6.08
N ARG B 62 -32.13 13.17 5.64
CA ARG B 62 -30.79 12.91 6.16
C ARG B 62 -30.58 13.55 7.53
N ASP B 63 -31.03 14.79 7.66
CA ASP B 63 -30.82 15.52 8.94
C ASP B 63 -32.17 15.68 9.65
N LEU B 64 -32.35 14.97 10.76
CA LEU B 64 -33.58 15.03 11.57
C LEU B 64 -33.23 15.73 12.88
N LEU B 65 -33.85 16.86 13.19
CA LEU B 65 -33.50 17.51 14.48
C LEU B 65 -34.73 17.50 15.39
N LEU B 66 -34.64 16.83 16.54
CA LEU B 66 -35.78 16.74 17.47
C LEU B 66 -35.35 17.36 18.81
N GLU B 67 -36.10 18.33 19.32
CA GLU B 67 -35.69 18.98 20.61
C GLU B 67 -36.83 19.02 21.65
N GLY B 68 -38.04 19.40 21.25
CA GLY B 68 -39.12 19.58 22.24
C GLY B 68 -40.03 18.37 22.37
N ARG B 69 -41.32 18.62 22.40
CA ARG B 69 -42.34 17.55 22.47
C ARG B 69 -43.10 17.65 21.16
N LYS B 70 -43.07 16.61 20.34
CA LYS B 70 -43.68 16.81 19.01
C LYS B 70 -44.33 15.54 18.49
N ILE B 71 -45.17 15.72 17.47
CA ILE B 71 -45.75 14.59 16.75
C ILE B 71 -45.21 14.65 15.33
N LEU B 72 -44.39 13.66 14.96
CA LEU B 72 -43.85 13.63 13.61
C LEU B 72 -44.94 13.21 12.63
N VAL B 73 -45.10 13.99 11.56
CA VAL B 73 -46.14 13.74 10.57
C VAL B 73 -45.53 13.78 9.17
N SER B 74 -46.28 13.24 8.22
CA SER B 74 -45.86 13.24 6.82
C SER B 74 -47.09 13.09 5.94
N ASP B 75 -47.44 14.16 5.22
CA ASP B 75 -48.60 14.17 4.32
C ASP B 75 -49.86 13.69 5.02
N GLY B 76 -50.06 14.16 6.25
CA GLY B 76 -51.22 13.82 7.03
C GLY B 76 -51.10 12.56 7.86
N PHE B 77 -50.18 11.68 7.52
CA PHE B 77 -50.01 10.41 8.25
C PHE B 77 -49.12 10.64 9.46
N THR B 78 -49.56 10.14 10.61
CA THR B 78 -48.78 10.26 11.85
C THR B 78 -47.64 9.26 11.81
N VAL B 79 -46.41 9.77 11.65
CA VAL B 79 -45.25 8.90 11.53
C VAL B 79 -44.81 8.39 12.90
N GLY B 80 -44.55 9.30 13.82
CA GLY B 80 -44.06 8.90 15.13
C GLY B 80 -44.34 9.98 16.15
N TYR B 81 -43.85 9.73 17.37
CA TYR B 81 -44.08 10.60 18.50
C TYR B 81 -42.75 10.94 19.16
N PHE B 82 -42.56 12.20 19.51
CA PHE B 82 -41.36 12.64 20.21
C PHE B 82 -41.77 13.18 21.58
N PHE B 83 -41.62 12.34 22.60
CA PHE B 83 -42.02 12.67 23.97
C PHE B 83 -40.78 12.84 24.85
N GLY B 84 -40.97 13.49 25.99
CA GLY B 84 -39.92 13.60 26.97
C GLY B 84 -39.78 12.34 27.81
N GLY B 85 -38.76 12.35 28.67
CA GLY B 85 -38.56 11.24 29.58
C GLY B 85 -39.71 11.07 30.57
N ASP B 86 -40.44 12.15 30.84
CA ASP B 86 -41.57 12.09 31.76
C ASP B 86 -42.64 11.13 31.29
N PHE B 87 -42.63 10.76 30.00
CA PHE B 87 -43.55 9.74 29.49
C PHE B 87 -43.40 8.42 30.24
N ARG B 88 -42.24 8.18 30.84
CA ARG B 88 -42.03 6.98 31.64
C ARG B 88 -42.95 6.95 32.86
N THR B 89 -43.32 8.12 33.39
CA THR B 89 -44.24 8.17 34.52
C THR B 89 -45.70 7.94 34.11
N VAL B 90 -46.02 8.08 32.82
CA VAL B 90 -47.38 7.91 32.35
C VAL B 90 -47.62 6.56 31.68
N PHE B 91 -46.57 5.86 31.28
CA PHE B 91 -46.72 4.58 30.59
C PHE B 91 -47.20 3.51 31.55
N ASP B 92 -48.41 2.99 31.30
CA ASP B 92 -49.04 2.01 32.19
C ASP B 92 -49.14 0.63 31.56
N GLY B 93 -48.34 0.34 30.52
CA GLY B 93 -48.34 -0.97 29.91
C GLY B 93 -49.04 -1.05 28.57
N ASN B 94 -50.15 -0.32 28.41
CA ASN B 94 -50.89 -0.26 27.15
C ASN B 94 -50.43 0.99 26.40
N LEU B 95 -49.75 0.79 25.27
CA LEU B 95 -49.05 1.89 24.62
C LEU B 95 -50.01 2.93 24.05
N GLN B 96 -51.08 2.51 23.39
CA GLN B 96 -51.97 3.46 22.74
C GLN B 96 -52.63 4.38 23.76
N SER B 97 -53.15 3.81 24.85
CA SER B 97 -53.81 4.61 25.88
C SER B 97 -52.82 5.53 26.57
N SER B 98 -51.60 5.04 26.85
CA SER B 98 -50.58 5.90 27.46
C SER B 98 -50.21 7.05 26.54
N ILE B 99 -50.10 6.78 25.24
CA ILE B 99 -49.78 7.83 24.27
C ILE B 99 -50.90 8.88 24.25
N GLU B 100 -52.15 8.42 24.25
CA GLU B 100 -53.26 9.37 24.24
C GLU B 100 -53.29 10.21 25.52
N LYS B 101 -53.00 9.58 26.67
CA LYS B 101 -52.93 10.31 27.92
C LYS B 101 -51.83 11.38 27.89
N TYR B 102 -50.64 10.99 27.41
CA TYR B 102 -49.54 11.94 27.34
C TYR B 102 -49.86 13.09 26.40
N LEU B 103 -50.52 12.80 25.28
CA LEU B 103 -50.95 13.88 24.38
C LEU B 103 -51.98 14.78 25.04
N SER B 104 -52.84 14.21 25.89
CA SER B 104 -53.83 15.03 26.59
C SER B 104 -53.18 15.91 27.65
N LEU B 105 -52.07 15.46 28.23
CA LEU B 105 -51.42 16.21 29.31
C LEU B 105 -50.47 17.28 28.82
N ASN B 106 -50.10 17.29 27.54
CA ASN B 106 -49.08 18.20 27.03
C ASN B 106 -49.58 18.94 25.79
N ASN B 107 -48.88 20.01 25.46
CA ASN B 107 -49.06 20.74 24.21
C ASN B 107 -47.93 20.37 23.27
N LEU B 108 -48.26 19.82 22.10
CA LEU B 108 -47.27 19.38 21.13
C LEU B 108 -47.54 20.02 19.78
N GLU B 109 -46.48 20.18 19.00
CA GLU B 109 -46.55 20.71 17.65
C GLU B 109 -46.25 19.61 16.64
N SER B 110 -46.85 19.72 15.46
N SER B 110 -46.86 19.72 15.46
CA SER B 110 -46.66 18.73 14.41
CA SER B 110 -46.66 18.74 14.41
C SER B 110 -45.39 19.06 13.62
C SER B 110 -45.39 19.07 13.63
N TYR B 111 -44.47 18.11 13.57
CA TYR B 111 -43.20 18.27 12.85
C TYR B 111 -43.34 17.54 11.51
N GLU B 112 -43.58 18.30 10.45
CA GLU B 112 -43.72 17.74 9.12
C GLU B 112 -42.37 17.28 8.61
N ILE B 113 -42.14 15.97 8.54
CA ILE B 113 -40.91 15.40 8.03
C ILE B 113 -41.18 14.75 6.68
N TRP B 114 -40.11 14.36 6.00
CA TRP B 114 -40.20 13.67 4.71
C TRP B 114 -40.03 12.18 4.97
N ALA B 115 -41.14 11.45 4.98
CA ALA B 115 -41.11 10.01 5.18
C ALA B 115 -42.26 9.39 4.40
N ILE B 116 -42.29 8.05 4.39
CA ILE B 116 -43.34 7.31 3.71
C ILE B 116 -43.70 6.08 4.56
N LYS B 117 -44.98 5.92 4.88
CA LYS B 117 -45.43 4.75 5.60
C LYS B 117 -45.48 3.55 4.66
N LEU B 118 -44.84 2.46 5.09
CA LEU B 118 -44.63 1.29 4.25
C LEU B 118 -45.78 0.30 4.34
N SER B 119 -46.19 -0.22 3.19
CA SER B 119 -47.13 -1.33 3.12
C SER B 119 -46.61 -2.31 2.08
N ASN B 120 -47.25 -3.49 2.01
CA ASN B 120 -46.82 -4.49 1.05
C ASN B 120 -47.04 -4.03 -0.39
N ASP B 121 -47.98 -3.12 -0.62
CA ASP B 121 -48.41 -2.76 -1.97
C ASP B 121 -47.82 -1.44 -2.45
N ASN B 122 -46.91 -0.84 -1.69
CA ASN B 122 -46.30 0.43 -2.10
C ASN B 122 -44.78 0.37 -2.01
N LEU B 123 -44.20 -0.82 -1.93
CA LEU B 123 -42.75 -0.93 -1.80
C LEU B 123 -42.03 -0.46 -3.06
N LYS B 124 -42.63 -0.65 -4.23
CA LYS B 124 -42.03 -0.13 -5.45
C LYS B 124 -42.02 1.40 -5.46
N THR B 125 -43.14 2.02 -5.04
CA THR B 125 -43.19 3.47 -4.94
C THR B 125 -42.21 3.98 -3.89
N ALA B 126 -42.09 3.26 -2.77
CA ALA B 126 -41.13 3.64 -1.74
C ALA B 126 -39.70 3.56 -2.25
N GLU B 127 -39.39 2.53 -3.04
CA GLU B 127 -38.04 2.42 -3.60
C GLU B 127 -37.77 3.55 -4.59
N LYS B 128 -38.75 3.88 -5.43
CA LYS B 128 -38.59 5.01 -6.35
C LYS B 128 -38.36 6.31 -5.59
N LEU B 129 -39.10 6.54 -4.50
CA LEU B 129 -38.94 7.77 -3.73
C LEU B 129 -37.59 7.80 -3.02
N LEU B 130 -37.12 6.64 -2.54
CA LEU B 130 -35.80 6.56 -1.94
C LEU B 130 -34.71 6.87 -2.97
N LEU B 131 -34.89 6.38 -4.20
CA LEU B 131 -33.92 6.68 -5.24
C LEU B 131 -33.92 8.17 -5.57
N SER B 132 -35.11 8.78 -5.65
CA SER B 132 -35.17 10.23 -5.81
C SER B 132 -34.44 10.94 -4.68
N SER B 133 -34.59 10.43 -3.45
CA SER B 133 -33.93 11.04 -2.30
C SER B 133 -32.41 10.91 -2.38
N LEU B 134 -31.91 9.77 -2.85
CA LEU B 134 -30.47 9.53 -2.92
C LEU B 134 -29.79 10.17 -4.12
N ILE B 135 -30.55 10.72 -5.06
CA ILE B 135 -29.96 11.35 -6.24
C ILE B 135 -30.92 12.39 -6.83
N ALA B 149 -29.67 7.80 -20.56
CA ALA B 149 -28.81 8.65 -19.76
C ALA B 149 -28.30 7.90 -18.53
N PHE B 150 -27.62 8.64 -17.65
CA PHE B 150 -27.24 8.06 -16.36
C PHE B 150 -28.47 7.63 -15.58
N ALA B 151 -29.46 8.52 -15.49
CA ALA B 151 -30.67 8.21 -14.72
C ALA B 151 -31.49 7.09 -15.36
N ARG B 152 -31.66 7.13 -16.69
CA ARG B 152 -32.52 6.14 -17.33
C ARG B 152 -31.86 4.77 -17.49
N ILE B 153 -30.54 4.70 -17.64
CA ILE B 153 -29.84 3.44 -17.88
C ILE B 153 -29.05 2.96 -16.66
N THR B 154 -28.19 3.83 -16.11
CA THR B 154 -27.26 3.35 -15.08
C THR B 154 -27.97 3.08 -13.76
N LEU B 155 -28.88 3.97 -13.36
CA LEU B 155 -29.57 3.76 -12.08
C LEU B 155 -30.49 2.55 -12.10
N PRO B 156 -31.32 2.33 -13.13
CA PRO B 156 -32.17 1.12 -13.10
C PRO B 156 -31.36 -0.16 -13.16
N LEU B 157 -30.26 -0.16 -13.89
CA LEU B 157 -29.40 -1.35 -13.92
C LEU B 157 -28.82 -1.63 -12.55
N ALA B 158 -28.38 -0.58 -11.84
CA ALA B 158 -27.89 -0.74 -10.48
C ALA B 158 -28.97 -1.26 -9.54
N ARG B 159 -30.18 -0.72 -9.65
CA ARG B 159 -31.30 -1.22 -8.84
C ARG B 159 -31.55 -2.70 -9.10
N ALA B 160 -31.57 -3.09 -10.38
CA ALA B 160 -31.79 -4.49 -10.73
C ALA B 160 -30.69 -5.38 -10.18
N LEU B 161 -29.43 -4.95 -10.30
CA LEU B 161 -28.33 -5.76 -9.80
C LEU B 161 -28.39 -5.90 -8.28
N LEU B 162 -28.77 -4.83 -7.57
CA LEU B 162 -28.96 -4.93 -6.13
C LEU B 162 -30.11 -5.87 -5.78
N ARG B 163 -31.17 -5.87 -6.59
CA ARG B 163 -32.36 -6.63 -6.25
C ARG B 163 -32.12 -8.14 -6.24
N ILE B 164 -31.20 -8.63 -7.06
CA ILE B 164 -30.94 -10.07 -7.13
C ILE B 164 -29.83 -10.47 -6.17
N GLY B 165 -29.45 -9.57 -5.26
CA GLY B 165 -28.55 -9.91 -4.18
C GLY B 165 -27.10 -9.54 -4.40
N LEU B 166 -26.77 -8.90 -5.52
CA LEU B 166 -25.40 -8.47 -5.77
C LEU B 166 -25.06 -7.22 -4.96
N THR B 167 -23.78 -7.08 -4.64
CA THR B 167 -23.22 -5.93 -3.96
C THR B 167 -22.23 -5.21 -4.86
N PRO B 168 -21.87 -3.96 -4.55
CA PRO B 168 -20.92 -3.23 -5.43
C PRO B 168 -19.59 -3.94 -5.66
N ASP B 169 -18.98 -4.49 -4.61
CA ASP B 169 -17.70 -5.16 -4.78
C ASP B 169 -17.81 -6.38 -5.66
N ALA B 170 -18.93 -7.11 -5.56
CA ALA B 170 -19.15 -8.25 -6.44
C ALA B 170 -19.23 -7.82 -7.89
N VAL B 171 -19.92 -6.72 -8.17
CA VAL B 171 -20.02 -6.25 -9.55
C VAL B 171 -18.66 -5.78 -10.06
N THR B 172 -17.86 -5.15 -9.18
CA THR B 172 -16.49 -4.81 -9.57
C THR B 172 -15.71 -6.05 -9.99
N ILE B 173 -15.77 -7.11 -9.18
CA ILE B 173 -14.99 -8.30 -9.51
C ILE B 173 -15.53 -8.97 -10.77
N ILE B 174 -16.87 -9.01 -10.92
CA ILE B 174 -17.47 -9.64 -12.08
C ILE B 174 -17.11 -8.91 -13.36
N GLY B 175 -17.27 -7.58 -13.38
CA GLY B 175 -16.93 -6.82 -14.56
C GLY B 175 -15.46 -6.91 -14.90
N THR B 176 -14.59 -6.85 -13.90
CA THR B 176 -13.16 -6.97 -14.16
C THR B 176 -12.81 -8.35 -14.69
N THR B 177 -13.41 -9.40 -14.12
CA THR B 177 -13.15 -10.75 -14.57
C THR B 177 -13.64 -10.96 -16.00
N ALA B 178 -14.79 -10.40 -16.34
CA ALA B 178 -15.31 -10.55 -17.70
C ALA B 178 -14.44 -9.78 -18.70
N SER B 179 -13.98 -8.58 -18.34
CA SER B 179 -13.13 -7.84 -19.26
C SER B 179 -11.77 -8.51 -19.42
N VAL B 180 -11.22 -9.07 -18.33
CA VAL B 180 -9.95 -9.78 -18.44
C VAL B 180 -10.11 -11.02 -19.29
N ALA B 181 -11.23 -11.72 -19.13
CA ALA B 181 -11.48 -12.92 -19.95
C ALA B 181 -11.61 -12.54 -21.41
N GLY B 182 -12.40 -11.51 -21.72
CA GLY B 182 -12.52 -11.06 -23.10
C GLY B 182 -11.17 -10.70 -23.69
N ALA B 183 -10.36 -9.93 -22.95
CA ALA B 183 -9.07 -9.52 -23.46
C ALA B 183 -8.16 -10.72 -23.71
N LEU B 184 -8.11 -11.66 -22.77
CA LEU B 184 -7.17 -12.76 -22.86
C LEU B 184 -7.64 -13.90 -23.77
N VAL B 185 -8.90 -13.96 -24.14
CA VAL B 185 -9.36 -14.98 -25.08
C VAL B 185 -9.43 -14.44 -26.50
N LEU B 186 -10.01 -13.25 -26.68
CA LEU B 186 -10.30 -12.79 -28.04
C LEU B 186 -9.08 -12.14 -28.70
N PHE B 187 -8.35 -11.32 -27.96
CA PHE B 187 -7.19 -10.63 -28.54
C PHE B 187 -6.07 -11.57 -28.98
N PRO B 188 -5.62 -12.54 -28.16
CA PRO B 188 -4.49 -13.37 -28.60
C PRO B 188 -4.76 -14.15 -29.87
N MET B 189 -6.00 -14.56 -30.11
CA MET B 189 -6.30 -15.29 -31.34
C MET B 189 -6.65 -14.37 -32.49
N GLY B 190 -6.48 -13.06 -32.32
CA GLY B 190 -6.63 -12.11 -33.41
C GLY B 190 -8.01 -11.52 -33.59
N LYS B 191 -8.94 -11.79 -32.68
CA LYS B 191 -10.29 -11.25 -32.79
C LYS B 191 -10.33 -9.89 -32.08
N LEU B 192 -9.69 -8.91 -32.73
CA LEU B 192 -9.47 -7.62 -32.09
C LEU B 192 -10.76 -6.81 -31.97
N PHE B 193 -11.62 -6.85 -32.99
CA PHE B 193 -12.87 -6.10 -32.93
C PHE B 193 -13.83 -6.64 -31.88
N PRO B 194 -14.14 -7.95 -31.86
CA PRO B 194 -15.01 -8.44 -30.78
C PRO B 194 -14.38 -8.29 -29.41
N GLY B 195 -13.06 -8.41 -29.30
CA GLY B 195 -12.40 -8.16 -28.04
C GLY B 195 -12.56 -6.73 -27.56
N ALA B 196 -12.42 -5.77 -28.47
CA ALA B 196 -12.63 -4.37 -28.10
C ALA B 196 -14.06 -4.14 -27.62
N CYS B 197 -15.03 -4.73 -28.33
CA CYS B 197 -16.43 -4.57 -27.92
C CYS B 197 -16.66 -5.14 -26.52
N VAL B 198 -16.21 -6.38 -26.29
CA VAL B 198 -16.42 -7.03 -24.99
C VAL B 198 -15.75 -6.24 -23.88
N VAL B 199 -14.50 -5.83 -24.10
CA VAL B 199 -13.76 -5.10 -23.07
C VAL B 199 -14.45 -3.79 -22.73
N TRP B 200 -14.91 -3.05 -23.73
CA TRP B 200 -15.57 -1.79 -23.44
C TRP B 200 -16.86 -2.01 -22.64
N PHE B 201 -17.67 -2.97 -23.09
CA PHE B 201 -18.90 -3.28 -22.38
C PHE B 201 -18.64 -3.59 -20.91
N PHE B 202 -17.64 -4.45 -20.64
CA PHE B 202 -17.46 -4.87 -19.26
C PHE B 202 -16.65 -3.89 -18.42
N VAL B 203 -15.93 -2.96 -19.05
CA VAL B 203 -15.40 -1.84 -18.27
C VAL B 203 -16.55 -0.96 -17.78
N LEU B 204 -17.54 -0.70 -18.65
CA LEU B 204 -18.73 0.01 -18.18
C LEU B 204 -19.44 -0.76 -17.08
N PHE B 205 -19.51 -2.09 -17.23
CA PHE B 205 -20.12 -2.93 -16.20
C PHE B 205 -19.40 -2.78 -14.87
N ASP B 206 -18.06 -2.84 -14.88
CA ASP B 206 -17.29 -2.58 -13.67
C ASP B 206 -17.54 -1.19 -13.12
N MET B 207 -17.82 -0.22 -14.00
CA MET B 207 -18.11 1.14 -13.54
C MET B 207 -19.46 1.27 -12.86
N LEU B 208 -20.35 0.28 -13.04
CA LEU B 208 -21.65 0.34 -12.35
C LEU B 208 -21.54 0.26 -10.83
N ASP B 209 -20.38 -0.15 -10.34
CA ASP B 209 -20.17 -0.32 -8.88
C ASP B 209 -20.43 0.97 -8.12
N GLY B 210 -20.08 2.13 -8.71
CA GLY B 210 -20.24 3.42 -8.04
C GLY B 210 -21.70 3.71 -7.77
N ALA B 211 -22.53 3.56 -8.79
CA ALA B 211 -23.97 3.81 -8.66
C ALA B 211 -24.56 2.86 -7.61
N MET B 212 -24.15 1.59 -7.62
CA MET B 212 -24.71 0.62 -6.65
C MET B 212 -24.34 1.06 -5.23
N ALA B 213 -23.11 1.51 -5.01
CA ALA B 213 -22.68 1.99 -3.68
C ALA B 213 -23.48 3.23 -3.28
N ARG B 214 -23.76 4.12 -4.23
CA ARG B 214 -24.52 5.36 -3.91
C ARG B 214 -25.92 4.95 -3.42
N LEU B 215 -26.51 3.95 -4.07
CA LEU B 215 -27.86 3.43 -3.74
C LEU B 215 -27.87 2.73 -2.38
N ARG B 216 -26.74 2.16 -1.98
CA ARG B 216 -26.63 1.42 -0.70
C ARG B 216 -26.14 2.35 0.40
N SER B 217 -25.16 1.90 1.19
CA SER B 217 -24.58 2.70 2.29
C SER B 217 -23.86 3.96 1.79
N GLY B 218 -23.06 3.83 0.73
CA GLY B 218 -22.27 4.96 0.20
C GLY B 218 -20.89 4.48 -0.20
N GLY B 219 -20.65 3.18 -0.08
CA GLY B 219 -19.37 2.57 -0.47
C GLY B 219 -18.36 2.51 0.65
N THR B 220 -17.25 1.83 0.41
CA THR B 220 -16.25 1.69 1.47
C THR B 220 -14.87 2.08 0.92
N ARG B 221 -13.92 2.32 1.81
CA ARG B 221 -12.53 2.60 1.38
C ARG B 221 -12.00 1.34 0.71
N PHE B 222 -12.28 0.17 1.29
CA PHE B 222 -11.85 -1.10 0.69
C PHE B 222 -12.38 -1.21 -0.74
N GLY B 223 -13.66 -0.88 -0.95
CA GLY B 223 -14.27 -0.93 -2.28
C GLY B 223 -13.54 -0.03 -3.27
N ALA B 224 -13.18 1.16 -2.83
CA ALA B 224 -12.48 2.12 -3.72
C ALA B 224 -11.12 1.52 -4.11
N VAL B 225 -10.42 0.97 -3.13
CA VAL B 225 -9.09 0.36 -3.38
C VAL B 225 -9.23 -0.82 -4.33
N LEU B 226 -10.25 -1.64 -4.10
CA LEU B 226 -10.48 -2.82 -4.94
C LEU B 226 -10.82 -2.42 -6.37
N ASP B 227 -11.67 -1.41 -6.54
CA ASP B 227 -12.04 -0.94 -7.87
C ASP B 227 -10.81 -0.47 -8.64
N ALA B 228 -9.92 0.26 -7.96
CA ALA B 228 -8.74 0.79 -8.64
C ALA B 228 -7.75 -0.32 -8.97
N ALA B 229 -7.52 -1.26 -8.04
CA ALA B 229 -6.62 -2.37 -8.33
C ALA B 229 -7.16 -3.23 -9.47
N CYS B 230 -8.48 -3.40 -9.53
CA CYS B 230 -9.08 -4.14 -10.64
C CYS B 230 -8.92 -3.38 -11.95
N ASP B 231 -8.99 -2.05 -11.91
CA ASP B 231 -8.66 -1.25 -13.09
C ASP B 231 -7.26 -1.57 -13.59
N ARG B 232 -6.29 -1.65 -12.66
CA ARG B 232 -4.92 -1.98 -13.06
C ARG B 232 -4.87 -3.37 -13.69
N ILE B 233 -5.58 -4.34 -13.11
CA ILE B 233 -5.58 -5.69 -13.65
C ILE B 233 -6.18 -5.70 -15.06
N SER B 234 -7.29 -4.98 -15.26
N SER B 234 -7.30 -4.98 -15.25
CA SER B 234 -7.93 -4.94 -16.56
CA SER B 234 -7.94 -4.94 -16.56
C SER B 234 -7.03 -4.33 -17.61
C SER B 234 -7.02 -4.34 -17.61
N ASP B 235 -6.35 -3.23 -17.27
CA ASP B 235 -5.42 -2.61 -18.23
C ASP B 235 -4.27 -3.55 -18.56
N GLY B 236 -3.70 -4.21 -17.54
CA GLY B 236 -2.66 -5.18 -17.79
C GLY B 236 -3.09 -6.29 -18.72
N ALA B 237 -4.32 -6.79 -18.54
CA ALA B 237 -4.79 -7.89 -19.38
C ALA B 237 -5.06 -7.43 -20.81
N VAL B 238 -5.68 -6.26 -20.97
CA VAL B 238 -5.87 -5.71 -22.31
C VAL B 238 -4.55 -5.65 -23.06
N PHE B 239 -3.54 -5.02 -22.44
CA PHE B 239 -2.27 -4.88 -23.14
C PHE B 239 -1.56 -6.20 -23.31
N SER B 240 -1.77 -7.16 -22.41
N SER B 240 -1.77 -7.16 -22.41
CA SER B 240 -1.08 -8.45 -22.54
CA SER B 240 -1.10 -8.45 -22.54
C SER B 240 -1.66 -9.26 -23.70
C SER B 240 -1.67 -9.27 -23.68
N GLY B 241 -2.99 -9.29 -23.84
CA GLY B 241 -3.59 -9.98 -24.97
C GLY B 241 -3.23 -9.31 -26.29
N LEU B 242 -3.24 -7.98 -26.32
CA LEU B 242 -2.77 -7.28 -27.51
C LEU B 242 -1.32 -7.62 -27.82
N LEU B 243 -0.46 -7.65 -26.80
CA LEU B 243 0.94 -7.97 -27.01
C LEU B 243 1.12 -9.38 -27.54
N TRP B 244 0.34 -10.32 -27.02
CA TRP B 244 0.41 -11.69 -27.52
C TRP B 244 0.11 -11.73 -29.02
N TRP B 245 -1.00 -11.12 -29.42
CA TRP B 245 -1.34 -11.13 -30.84
C TRP B 245 -0.25 -10.45 -31.67
N ILE B 246 0.28 -9.34 -31.18
CA ILE B 246 1.23 -8.56 -31.98
C ILE B 246 2.54 -9.33 -32.12
N ALA B 247 2.93 -10.08 -31.08
CA ALA B 247 4.21 -10.77 -31.12
C ALA B 247 4.14 -12.07 -31.90
N PHE B 248 3.09 -12.87 -31.71
CA PHE B 248 3.02 -14.19 -32.34
C PHE B 248 2.06 -14.25 -33.52
N GLY B 249 1.09 -13.35 -33.61
CA GLY B 249 0.22 -13.31 -34.77
C GLY B 249 0.77 -12.41 -35.85
N MET B 250 1.01 -11.15 -35.51
CA MET B 250 1.53 -10.20 -36.47
C MET B 250 3.04 -10.31 -36.65
N ARG B 251 3.75 -10.77 -35.61
CA ARG B 251 5.22 -10.89 -35.65
C ARG B 251 5.85 -9.52 -35.92
N ASP B 252 5.39 -8.52 -35.18
CA ASP B 252 5.78 -7.13 -35.36
C ASP B 252 6.51 -6.70 -34.09
N ARG B 253 7.84 -6.71 -34.14
CA ARG B 253 8.61 -6.49 -32.92
C ARG B 253 8.63 -5.02 -32.50
N LEU B 254 8.71 -4.10 -33.47
CA LEU B 254 8.67 -2.67 -33.13
C LEU B 254 7.35 -2.32 -32.44
N LEU B 255 6.24 -2.84 -32.95
CA LEU B 255 4.97 -2.63 -32.29
C LEU B 255 4.95 -3.29 -30.92
N VAL B 256 5.74 -4.35 -30.73
CA VAL B 256 5.83 -4.97 -29.40
C VAL B 256 6.52 -4.03 -28.43
N VAL B 257 7.58 -3.35 -28.85
CA VAL B 257 8.20 -2.38 -27.93
C VAL B 257 7.21 -1.27 -27.59
N ALA B 258 6.43 -0.81 -28.59
CA ALA B 258 5.42 0.21 -28.31
C ALA B 258 4.36 -0.30 -27.32
N THR B 259 3.94 -1.56 -27.46
CA THR B 259 2.92 -2.11 -26.57
C THR B 259 3.45 -2.31 -25.16
N LEU B 260 4.70 -2.79 -25.03
CA LEU B 260 5.30 -2.93 -23.71
C LEU B 260 5.45 -1.58 -23.03
N THR B 261 5.84 -0.55 -23.78
CA THR B 261 5.87 0.79 -23.22
C THR B 261 4.49 1.19 -22.72
N CYS B 262 3.44 0.94 -23.52
CA CYS B 262 2.09 1.28 -23.10
C CYS B 262 1.71 0.56 -21.81
N LEU B 263 2.01 -0.73 -21.74
CA LEU B 263 1.65 -1.53 -20.58
C LEU B 263 2.33 -1.00 -19.31
N VAL B 264 3.66 -0.90 -19.36
CA VAL B 264 4.42 -0.50 -18.19
C VAL B 264 4.02 0.91 -17.78
N THR B 265 3.93 1.83 -18.74
CA THR B 265 3.57 3.20 -18.41
C THR B 265 2.16 3.29 -17.86
N SER B 266 1.23 2.48 -18.34
CA SER B 266 -0.12 2.53 -17.80
C SER B 266 -0.14 2.09 -16.34
N GLN B 267 0.68 1.10 -15.99
CA GLN B 267 0.77 0.74 -14.57
C GLN B 267 1.43 1.86 -13.76
N VAL B 268 2.54 2.40 -14.25
CA VAL B 268 3.34 3.34 -13.46
C VAL B 268 2.63 4.69 -13.32
N ILE B 269 1.89 5.11 -14.34
CA ILE B 269 1.16 6.37 -14.28
C ILE B 269 0.18 6.37 -13.11
N SER B 270 -0.59 5.29 -12.97
CA SER B 270 -1.53 5.20 -11.85
C SER B 270 -0.79 5.04 -10.52
N TYR B 271 0.30 4.26 -10.53
CA TYR B 271 1.04 4.08 -9.29
C TYR B 271 1.55 5.40 -8.76
N ILE B 272 1.98 6.31 -9.64
CA ILE B 272 2.52 7.59 -9.18
C ILE B 272 1.45 8.35 -8.40
N LYS B 273 0.24 8.43 -8.94
CA LYS B 273 -0.83 9.15 -8.26
C LYS B 273 -1.16 8.49 -6.93
N ALA B 274 -1.29 7.17 -6.91
CA ALA B 274 -1.59 6.48 -5.65
C ALA B 274 -0.50 6.76 -4.61
N ARG B 275 0.76 6.67 -5.01
CA ARG B 275 1.88 6.80 -4.08
C ARG B 275 2.03 8.24 -3.58
N ALA B 276 1.82 9.22 -4.47
CA ALA B 276 1.84 10.62 -4.06
C ALA B 276 0.71 10.92 -3.08
N GLU B 277 -0.49 10.39 -3.33
CA GLU B 277 -1.57 10.60 -2.39
C GLU B 277 -1.31 9.88 -1.07
N ALA B 278 -0.62 8.74 -1.11
CA ALA B 278 -0.22 8.08 0.12
C ALA B 278 0.77 8.94 0.91
N SER B 279 1.58 9.72 0.21
CA SER B 279 2.48 10.65 0.88
C SER B 279 1.85 12.00 1.16
N GLY B 280 0.58 12.19 0.86
CA GLY B 280 -0.07 13.47 1.10
C GLY B 280 0.16 14.50 0.03
N LEU B 281 0.52 14.07 -1.19
CA LEU B 281 0.78 14.97 -2.30
C LEU B 281 -0.17 14.66 -3.45
N ARG B 282 -0.10 15.49 -4.48
CA ARG B 282 -0.93 15.33 -5.67
C ARG B 282 -0.14 14.62 -6.75
N GLY B 283 -0.84 13.84 -7.57
CA GLY B 283 -0.18 13.13 -8.65
C GLY B 283 -1.04 12.91 -9.87
N ASP B 284 -2.17 13.60 -9.95
CA ASP B 284 -3.10 13.42 -11.04
C ASP B 284 -2.63 14.20 -12.26
N GLY B 285 -3.48 14.31 -13.27
CA GLY B 285 -3.15 15.07 -14.45
C GLY B 285 -2.65 14.19 -15.59
N GLY B 286 -2.08 14.86 -16.58
CA GLY B 286 -1.55 14.20 -17.76
C GLY B 286 -2.45 14.39 -18.96
N ILE B 287 -1.87 14.22 -20.15
CA ILE B 287 -2.61 14.41 -21.38
C ILE B 287 -3.53 13.22 -21.65
N ILE B 288 -3.09 12.01 -21.32
CA ILE B 288 -3.85 10.79 -21.61
C ILE B 288 -4.13 10.10 -20.29
N GLU B 289 -5.38 10.14 -19.85
CA GLU B 289 -5.82 9.41 -18.66
C GLU B 289 -6.41 8.07 -19.08
N ARG B 290 -6.84 7.28 -18.07
CA ARG B 290 -7.30 5.93 -18.35
C ARG B 290 -8.43 5.87 -19.37
N PRO B 291 -9.49 6.69 -19.27
CA PRO B 291 -10.53 6.61 -20.32
C PRO B 291 -9.98 6.90 -21.70
N GLU B 292 -9.15 7.94 -21.83
CA GLU B 292 -8.56 8.26 -23.13
C GLU B 292 -7.65 7.15 -23.62
N ARG B 293 -6.84 6.57 -22.72
CA ARG B 293 -5.97 5.45 -23.10
C ARG B 293 -6.79 4.28 -23.62
N LEU B 294 -7.86 3.92 -22.91
CA LEU B 294 -8.70 2.81 -23.33
C LEU B 294 -9.36 3.10 -24.67
N ILE B 295 -9.88 4.32 -24.84
CA ILE B 295 -10.52 4.68 -26.10
C ILE B 295 -9.53 4.54 -27.25
N ILE B 296 -8.32 5.09 -27.07
CA ILE B 296 -7.29 5.05 -28.15
C ILE B 296 -6.94 3.59 -28.52
N VAL B 297 -6.49 2.79 -27.55
CA VAL B 297 -6.07 1.40 -27.89
C VAL B 297 -7.26 0.58 -28.40
N LEU B 298 -8.43 0.70 -27.78
CA LEU B 298 -9.61 -0.10 -28.20
C LEU B 298 -10.06 0.29 -29.61
N VAL B 299 -10.06 1.59 -29.92
CA VAL B 299 -10.47 2.04 -31.28
C VAL B 299 -9.44 1.54 -32.31
N GLY B 300 -8.15 1.63 -31.99
CA GLY B 300 -7.13 1.17 -32.94
C GLY B 300 -7.26 -0.32 -33.21
N ALA B 301 -7.47 -1.11 -32.18
CA ALA B 301 -7.61 -2.58 -32.36
C ALA B 301 -8.88 -2.89 -33.17
N GLY B 302 -10.00 -2.23 -32.85
CA GLY B 302 -11.27 -2.47 -33.55
C GLY B 302 -11.22 -2.09 -35.01
N VAL B 303 -10.66 -0.91 -35.32
CA VAL B 303 -10.55 -0.43 -36.73
C VAL B 303 -9.65 -1.38 -37.51
N SER B 304 -8.58 -1.85 -36.88
CA SER B 304 -7.59 -2.79 -37.49
C SER B 304 -8.27 -4.12 -37.87
N ASP B 305 -9.27 -4.55 -37.10
CA ASP B 305 -10.01 -5.82 -37.31
C ASP B 305 -11.48 -5.54 -37.67
N PHE B 306 -11.80 -4.36 -38.19
CA PHE B 306 -13.22 -4.01 -38.50
C PHE B 306 -13.80 -4.96 -39.54
N PRO B 307 -15.08 -5.35 -39.43
CA PRO B 307 -15.71 -6.29 -40.36
C PRO B 307 -15.76 -5.72 -41.78
N PHE B 308 -15.57 -6.59 -42.77
CA PHE B 308 -15.61 -6.30 -44.24
C PHE B 308 -14.37 -5.52 -44.72
N ILE B 309 -14.11 -4.32 -44.19
CA ILE B 309 -12.92 -3.57 -44.69
C ILE B 309 -12.07 -3.02 -43.53
N ALA B 310 -11.36 -3.92 -42.85
CA ALA B 310 -10.48 -3.53 -41.72
C ALA B 310 -9.30 -2.69 -42.23
N TRP B 311 -8.93 -1.63 -41.49
CA TRP B 311 -7.74 -0.80 -41.85
C TRP B 311 -6.60 -1.22 -40.92
N PRO B 312 -5.63 -2.01 -41.39
CA PRO B 312 -4.56 -2.55 -40.53
C PRO B 312 -3.68 -1.50 -39.81
N PRO B 313 -3.32 -0.37 -40.43
CA PRO B 313 -2.47 0.65 -39.79
C PRO B 313 -3.02 1.37 -38.55
N ALA B 314 -4.31 1.26 -38.29
CA ALA B 314 -4.93 1.89 -37.09
C ALA B 314 -4.30 1.32 -35.81
N LEU B 315 -4.01 0.02 -35.77
CA LEU B 315 -3.45 -0.56 -34.52
C LEU B 315 -2.08 0.04 -34.17
N PRO B 316 -1.08 0.10 -35.07
CA PRO B 316 0.21 0.67 -34.73
C PRO B 316 0.14 2.18 -34.44
N VAL B 317 -0.63 2.93 -35.23
CA VAL B 317 -0.72 4.40 -35.01
C VAL B 317 -1.26 4.67 -33.61
N ALA B 318 -2.33 3.98 -33.23
CA ALA B 318 -2.94 4.17 -31.89
C ALA B 318 -1.91 3.82 -30.81
N MET B 319 -1.16 2.75 -31.04
CA MET B 319 -0.21 2.31 -30.02
C MET B 319 0.93 3.30 -29.86
N TRP B 320 1.49 3.76 -31.00
CA TRP B 320 2.66 4.61 -30.92
C TRP B 320 2.30 5.96 -30.31
N VAL B 321 1.22 6.57 -30.81
CA VAL B 321 0.64 7.72 -30.15
C VAL B 321 0.52 7.46 -28.66
N LEU B 322 -0.17 6.37 -28.29
CA LEU B 322 -0.38 6.07 -26.88
C LEU B 322 0.97 6.00 -26.16
N ALA B 323 1.94 5.30 -26.75
CA ALA B 323 3.25 5.21 -26.13
C ALA B 323 3.82 6.60 -25.89
N VAL B 324 3.88 7.41 -26.96
CA VAL B 324 4.37 8.77 -26.82
C VAL B 324 3.51 9.54 -25.83
N ALA B 325 2.19 9.34 -25.90
CA ALA B 325 1.31 10.05 -24.97
C ALA B 325 1.48 9.56 -23.55
N SER B 326 1.91 8.30 -23.36
CA SER B 326 2.01 7.78 -22.00
C SER B 326 3.31 8.24 -21.33
N VAL B 327 4.43 8.12 -22.02
CA VAL B 327 5.72 8.55 -21.47
C VAL B 327 5.63 9.99 -20.98
N ILE B 328 5.10 10.88 -21.84
CA ILE B 328 4.92 12.27 -21.46
C ILE B 328 4.09 12.38 -20.18
N THR B 329 2.96 11.66 -20.14
CA THR B 329 2.11 11.67 -18.94
C THR B 329 2.92 11.27 -17.71
N LEU B 330 3.79 10.26 -17.89
CA LEU B 330 4.63 9.81 -16.77
C LEU B 330 5.43 10.97 -16.20
N GLY B 331 5.98 11.82 -17.05
CA GLY B 331 6.69 13.00 -16.57
C GLY B 331 5.75 13.97 -15.88
N GLN B 332 4.60 14.23 -16.51
CA GLN B 332 3.70 15.25 -16.00
C GLN B 332 3.31 14.98 -14.55
N ARG B 333 2.81 13.77 -14.29
CA ARG B 333 2.43 13.41 -12.93
C ARG B 333 3.61 13.57 -11.98
N LEU B 334 4.81 13.15 -12.41
CA LEU B 334 5.98 13.35 -11.58
C LEU B 334 6.19 14.83 -11.29
N HIS B 335 6.11 15.66 -12.33
CA HIS B 335 6.18 17.10 -12.13
C HIS B 335 5.11 17.57 -11.16
N THR B 336 3.89 17.03 -11.31
CA THR B 336 2.83 17.34 -10.36
C THR B 336 3.27 17.02 -8.94
N VAL B 337 3.81 15.82 -8.73
CA VAL B 337 4.31 15.46 -7.40
C VAL B 337 5.36 16.48 -6.95
N TRP B 338 6.24 16.88 -7.88
CA TRP B 338 7.30 17.82 -7.53
C TRP B 338 6.73 19.18 -7.15
N THR B 339 5.59 19.57 -7.71
CA THR B 339 5.03 20.88 -7.43
C THR B 339 3.93 20.84 -6.37
N SER B 340 3.65 19.66 -5.80
CA SER B 340 2.65 19.60 -4.76
C SER B 340 3.13 20.32 -3.51
N PRO B 341 2.25 21.01 -2.80
CA PRO B 341 2.67 21.69 -1.56
C PRO B 341 3.26 20.70 -0.56
N GLY B 342 4.43 21.05 -0.03
CA GLY B 342 5.12 20.22 0.92
C GLY B 342 5.92 19.08 0.33
N ALA B 343 6.02 18.99 -1.00
CA ALA B 343 6.69 17.86 -1.62
C ALA B 343 8.20 17.86 -1.32
N THR B 344 8.86 19.00 -1.52
CA THR B 344 10.30 19.10 -1.34
C THR B 344 10.68 19.55 0.08
N ASP B 345 9.74 19.57 1.01
CA ASP B 345 10.06 19.92 2.39
C ASP B 345 10.89 18.81 3.02
N ARG B 346 11.91 19.21 3.78
CA ARG B 346 12.80 18.26 4.43
C ARG B 346 12.12 17.64 5.65
N ILE B 347 12.28 16.33 5.80
CA ILE B 347 11.69 15.60 6.92
C ILE B 347 12.79 15.28 7.93
N PRO B 348 12.86 16.02 9.05
CA PRO B 348 13.91 15.81 10.06
C PRO B 348 13.79 14.46 10.77
CAC FLC C . 13.46 6.77 0.78
CA FLC C . 13.21 8.24 0.47
CB FLC C . 14.04 9.22 1.30
CBC FLC C . 13.60 9.11 2.79
CG FLC C . 13.83 10.64 0.80
CGC FLC C . 14.76 11.11 -0.32
OA1 FLC C . 12.74 6.22 1.62
OA2 FLC C . 14.37 6.20 0.16
OB1 FLC C . 12.66 9.83 3.16
OB2 FLC C . 14.19 8.28 3.50
OG1 FLC C . 15.00 12.33 -0.38
OG2 FLC C . 15.21 10.27 -1.11
OHB FLC C . 15.41 8.86 1.17
NA NA D . 14.06 15.16 -2.63
NA NA E . 16.40 5.11 -4.95
NA NA F . 14.12 3.10 -6.43
NA NA G . 6.74 -21.57 -28.85
P PO4 H . 6.41 -6.16 -5.54
O1 PO4 H . 6.30 -5.51 -4.18
O2 PO4 H . 7.79 -5.93 -6.12
O3 PO4 H . 5.40 -5.55 -6.47
O4 PO4 H . 6.16 -7.67 -5.44
O16 TCE I . 35.82 11.48 14.35
C14 TCE I . 35.97 10.52 13.56
O15 TCE I . 35.14 9.59 13.46
C5 TCE I . 37.21 10.48 12.70
C2 TCE I . 36.87 9.82 11.37
P TCE I . 38.44 9.30 10.50
C3 TCE I . 40.08 9.41 11.37
C6 TCE I . 40.57 10.86 11.39
C8 TCE I . 41.92 10.94 12.05
O10 TCE I . 42.41 12.08 12.25
O9 TCE I . 42.50 9.88 12.36
C1 TCE I . 38.34 8.67 8.73
C4 TCE I . 38.29 9.85 7.77
C11 TCE I . 37.27 9.62 6.67
O12 TCE I . 37.57 8.86 5.72
O13 TCE I . 36.17 10.22 6.76
C24 OLC J . 34.97 7.68 3.92
C3 OLC J . 34.05 2.93 -1.67
C2 OLC J . 34.42 4.39 -1.42
C21 OLC J . 34.56 6.18 2.01
C1 OLC J . 34.38 4.65 0.06
C22 OLC J . 35.25 7.46 2.44
O19 OLC J . 33.96 3.78 0.82
O25 OLC J . 33.54 7.60 4.13
O23 OLC J . 36.67 7.35 2.25
O20 OLC J . 34.77 5.94 0.62
C10 OLC K . 17.51 -19.63 -28.66
C9 OLC K . 18.10 -20.25 -27.64
C8 OLC K . 19.58 -20.02 -27.39
C24 OLC K . 15.49 -23.08 -22.62
C7 OLC K . 19.80 -19.93 -25.89
C6 OLC K . 21.08 -19.16 -25.57
C5 OLC K . 21.52 -19.40 -24.12
C4 OLC K . 21.26 -18.20 -23.23
C3 OLC K . 19.78 -18.03 -22.89
C2 OLC K . 19.51 -18.35 -21.43
C21 OLC K . 16.90 -21.17 -21.88
C1 OLC K . 18.29 -19.22 -21.27
C22 OLC K . 16.79 -22.32 -22.89
O19 OLC K . 17.42 -18.93 -20.47
O25 OLC K . 15.24 -23.13 -21.21
O23 OLC K . 16.81 -21.85 -24.24
O20 OLC K . 18.11 -20.44 -22.05
C10 OLC L . -0.69 -22.95 -12.22
C9 OLC L . 0.40 -23.15 -12.95
C11 OLC L . -0.71 -23.24 -10.74
C8 OLC L . 1.67 -23.68 -12.31
C24 OLC L . 9.44 -23.68 -20.18
C7 OLC L . 2.71 -23.98 -13.38
C6 OLC L . 2.10 -24.73 -14.55
C5 OLC L . 2.96 -24.58 -15.81
C4 OLC L . 4.17 -25.50 -15.81
C3 OLC L . 5.14 -25.05 -16.89
C2 OLC L . 5.85 -26.22 -17.55
C21 OLC L . 7.07 -23.39 -19.47
C1 OLC L . 6.47 -25.73 -18.84
C22 OLC L . 8.10 -23.05 -20.54
O19 OLC L . 6.15 -26.24 -19.92
O25 OLC L . 10.45 -23.27 -21.10
O23 OLC L . 7.64 -23.55 -21.80
O20 OLC L . 7.43 -24.64 -18.87
C10 OLC M . 28.26 -3.99 -12.07
C9 OLC M . 28.04 -5.18 -12.62
C11 OLC M . 29.60 -3.30 -12.22
C8 OLC M . 29.13 -5.84 -13.43
C24 OLC M . 27.47 -15.62 -20.26
C12 OLC M . 29.40 -1.80 -12.31
C7 OLC M . 28.85 -7.33 -13.60
C6 OLC M . 29.89 -7.93 -14.52
C5 OLC M . 29.40 -9.16 -15.28
C4 OLC M . 30.61 -9.90 -15.86
C3 OLC M . 30.19 -11.06 -16.76
C2 OLC M . 31.38 -11.55 -17.58
C21 OLC M . 29.27 -13.98 -19.69
C1 OLC M . 30.86 -12.30 -18.78
C22 OLC M . 28.53 -15.22 -19.24
O19 OLC M . 31.07 -11.90 -19.91
O25 OLC M . 26.65 -16.63 -19.66
O23 OLC M . 29.48 -16.29 -19.13
O20 OLC M . 30.05 -13.49 -18.60
C1 8K6 N . 14.83 5.09 -19.20
C2 8K6 N . 14.39 5.93 -18.02
C3 8K6 N . 14.18 5.15 -16.75
C4 8K6 N . 14.25 5.98 -15.50
C5 8K6 N . 13.34 7.18 -15.53
C6 8K6 N . 13.57 8.17 -14.40
C7 8K6 N . 12.61 9.33 -14.41
C8 8K6 N . 13.04 10.49 -13.53
C9 8K6 N . 12.11 11.66 -13.57
C10 8K6 N . 12.77 12.96 -13.19
C11 8K6 N . 12.90 13.20 -11.72
C12 8K6 N . 13.57 14.50 -11.34
C13 8K6 N . 14.59 14.38 -10.24
C14 8K6 N . 15.32 15.67 -9.92
C15 8K6 N . 16.60 15.48 -9.15
C16 8K6 N . 17.76 15.03 -9.99
C17 8K6 N . 19.00 15.87 -9.83
C1 8K6 O . 30.92 9.88 -13.63
C2 8K6 O . 31.08 10.36 -12.20
C3 8K6 O . 30.15 11.49 -11.82
C4 8K6 O . 30.25 11.91 -10.37
C5 8K6 O . 29.30 13.01 -9.98
C6 8K6 O . 29.95 14.36 -9.79
C7 8K6 O . 28.97 15.49 -9.60
C8 8K6 O . 29.58 16.86 -9.80
C9 8K6 O . 30.30 17.03 -11.13
C10 8K6 O . 31.13 18.30 -11.23
C3 8K6 P . -3.76 -12.26 -12.52
C4 8K6 P . -4.89 -11.79 -11.64
C5 8K6 P . -4.86 -12.38 -10.24
C6 8K6 P . -5.27 -11.41 -9.16
C7 8K6 P . -6.33 -11.95 -8.22
C8 8K6 P . -6.14 -13.41 -7.84
C9 8K6 P . -6.88 -13.81 -6.58
C3 8K6 Q . -5.59 -16.41 -5.73
C4 8K6 Q . -5.84 -16.12 -4.27
C5 8K6 Q . -5.04 -17.00 -3.32
C6 8K6 Q . -4.83 -16.39 -1.95
C7 8K6 Q . -4.36 -17.37 -0.91
C1 8K6 R . 37.66 -19.18 -16.49
C2 8K6 R . 37.39 -18.40 -15.20
C3 8K6 R . 38.30 -18.91 -14.08
C4 8K6 R . 37.58 -18.76 -12.74
C5 8K6 R . 38.49 -19.26 -11.62
C1 8K6 S . 34.16 -16.46 -19.82
C2 8K6 S . 33.74 -15.29 -18.94
C3 8K6 S . 33.90 -15.67 -17.47
C4 8K6 S . 33.16 -14.66 -16.60
C5 8K6 S . 33.55 -14.84 -15.12
C1 8K6 T . 35.96 -24.75 -22.71
C2 8K6 T . 36.96 -23.60 -22.75
C3 8K6 T . 37.23 -23.10 -21.33
C4 8K6 T . 37.96 -21.77 -21.40
C5 8K6 T . 38.14 -21.21 -19.99
C1 8K6 U . 51.19 1.30 10.02
C2 8K6 U . 51.48 -0.16 10.35
C3 8K6 U . 52.05 -0.27 11.76
C4 8K6 U . 52.37 -1.73 12.07
C5 8K6 U . 53.10 -1.83 13.41
C11 8K6 V . 0.33 -25.31 -8.00
C12 8K6 V . -0.34 -24.46 -6.94
C13 8K6 V . -0.11 -24.94 -5.51
C14 8K6 V . -0.21 -23.85 -4.45
C15 8K6 V . -1.63 -23.39 -4.20
C16 8K6 V . -1.87 -22.88 -2.79
C17 8K6 V . -3.15 -22.08 -2.65
C18 8K6 V . -3.24 -21.34 -1.32
C12 8K6 W . 5.18 -24.73 -10.72
C13 8K6 W . 4.34 -24.37 -9.50
C14 8K6 W . 5.12 -23.77 -8.35
C15 8K6 W . 4.40 -23.84 -7.02
C16 8K6 W . 5.03 -23.00 -5.92
C17 8K6 W . 4.05 -22.18 -5.12
C18 8K6 W . 4.69 -21.11 -4.26
C12 8K6 X . 25.37 -2.59 -21.15
C13 8K6 X . 24.50 -1.66 -20.32
C14 8K6 X . 25.10 -1.27 -18.99
C15 8K6 X . 24.55 0.01 -18.41
C16 8K6 X . 25.37 0.59 -17.28
C17 8K6 X . 26.45 1.54 -17.72
C18 8K6 X . 27.60 1.65 -16.75
C4 8K6 Y . 23.78 9.31 -19.81
C5 8K6 Y . 23.88 10.19 -18.59
C6 8K6 Y . 24.92 9.73 -17.60
C7 8K6 Y . 25.23 10.74 -16.50
C8 8K6 Y . 26.23 10.24 -15.47
C9 8K6 Y . 25.82 10.48 -14.04
C10 8K6 Y . 26.45 11.70 -13.40
C11 8K6 Y . 25.47 12.54 -12.60
C12 8K6 Y . 26.14 13.48 -11.62
C13 8K6 Y . 25.35 14.74 -11.33
C14 8K6 Y . 23.87 14.51 -11.17
C15 8K6 Y . 23.21 15.42 -10.17
C16 8K6 Y . 23.85 15.38 -8.79
C17 8K6 Y . 23.57 16.59 -7.95
C10 8K6 Z . 7.32 -25.03 -13.59
C11 8K6 Z . 8.58 -25.76 -13.99
C12 8K6 Z . 8.73 -25.98 -15.47
C13 8K6 Z . 10.17 -26.17 -15.91
C14 8K6 Z . 10.34 -26.94 -17.21
C15 8K6 Z . 11.77 -27.23 -17.57
C16 8K6 Z . 11.98 -27.61 -19.02
C17 8K6 Z . 11.75 -26.47 -19.99
C18 8K6 Z . 13.01 -25.70 -20.31
C11 8K6 AA . -3.92 -20.21 -6.40
C12 8K6 AA . -2.66 -20.21 -7.26
C13 8K6 AA . -2.72 -19.27 -8.44
C14 8K6 AA . -2.40 -19.93 -9.76
C15 8K6 AA . -2.20 -18.96 -10.91
C16 8K6 AA . -0.92 -19.17 -11.68
C17 8K6 AA . -0.65 -18.12 -12.74
C18 8K6 AA . -0.52 -18.69 -14.13
C7 8K6 BA . 22.84 -17.28 -4.95
C8 8K6 BA . 23.83 -17.02 -6.07
C9 8K6 BA . 23.36 -17.49 -7.44
C10 8K6 BA . 24.12 -16.89 -8.61
C11 8K6 BA . 23.26 -16.11 -9.58
C12 8K6 BA . 24.01 -15.07 -10.38
C13 8K6 BA . 23.16 -13.92 -10.87
C14 8K6 BA . 23.08 -12.75 -9.91
C15 8K6 BA . 21.75 -12.64 -9.19
C16 8K6 BA . 21.73 -11.63 -8.07
C17 8K6 BA . 20.81 -11.99 -6.93
C18 8K6 BA . 21.53 -12.32 -5.64
C1 GOL CA . 19.23 -6.46 1.22
O1 GOL CA . 19.56 -7.06 -0.01
C2 GOL CA . 17.72 -6.47 1.42
O2 GOL CA . 17.39 -7.18 2.59
C3 GOL CA . 17.20 -5.04 1.50
O3 GOL CA . 15.84 -5.05 1.89
C1 GOL DA . 16.05 -22.19 -9.74
O1 GOL DA . 17.42 -22.24 -10.04
C2 GOL DA . 15.88 -21.40 -8.45
O2 GOL DA . 17.05 -20.63 -8.24
C3 GOL DA . 14.70 -20.45 -8.59
O3 GOL DA . 15.19 -19.23 -9.10
C1 GOL EA . 22.29 9.49 11.87
O1 GOL EA . 22.98 8.33 11.47
C2 GOL EA . 23.20 10.70 11.75
O2 GOL EA . 24.31 10.37 10.94
C3 GOL EA . 22.45 11.88 11.14
O3 GOL EA . 21.33 12.19 11.94
O1 XP4 FA . 14.03 -4.54 -34.88
O2 XP4 FA . 13.64 -6.49 -33.37
P1 XP4 FA . 13.69 -5.00 -33.50
O3 XP4 FA . 12.51 -4.29 -32.92
O4 XP4 FA . 14.93 -4.57 -32.57
C1 XP4 FA . 14.75 -4.00 -31.27
C2 XP4 FA . 15.37 -4.88 -30.18
C3 XP4 FA . 16.69 -5.47 -30.65
O5 XP4 FA . 16.93 -6.66 -29.92
C4 XP4 FA . 18.25 -7.24 -29.91
O6 XP4 FA . 18.37 -8.43 -30.14
C5 XP4 FA . 19.47 -6.39 -29.64
C6 XP4 FA . 19.28 -5.54 -28.38
C7 XP4 FA . 20.38 -4.49 -28.29
C8 XP4 FA . 19.93 -3.24 -27.56
C9 XP4 FA . 18.92 -2.43 -28.34
C10 XP4 FA . 18.51 -1.18 -27.58
C11 XP4 FA . 17.26 -1.43 -26.75
C12 XP4 FA . 16.74 -0.13 -26.15
C13 XP4 FA . 15.23 -0.15 -26.00
C14 XP4 FA . 14.66 1.26 -25.88
C15 XP4 FA . 13.15 1.24 -25.72
C16 XP4 FA . 12.70 1.78 -24.37
C17 XP4 FA . 11.34 2.44 -24.43
O7 XP4 FA . 15.58 -4.14 -28.98
C18 XP4 FA . 14.41 -4.12 -28.11
O8 XP4 FA . 13.34 -4.48 -28.55
C19 XP4 FA . 14.50 -3.66 -26.68
C20 XP4 FA . 13.37 -4.27 -25.89
C21 XP4 FA . 12.84 -3.33 -24.83
C22 XP4 FA . 11.44 -2.84 -25.15
C23 XP4 FA . 10.57 -2.72 -23.92
C24 XP4 FA . 10.48 -1.28 -23.44
C25 XP4 FA . 9.70 -1.18 -22.14
C26 XP4 FA . 10.05 0.10 -21.40
C27 XP4 FA . 10.04 -0.07 -19.90
C28 XP4 FA . 9.56 1.18 -19.18
C29 XP4 FA . 9.93 2.44 -19.92
C30 XP4 FA . 10.17 3.60 -18.96
C31 XP4 FA . 9.13 4.67 -19.13
C1 8K6 GA . -5.24 -18.22 -21.48
C2 8K6 GA . -4.18 -18.00 -20.42
C3 8K6 GA . -4.70 -17.28 -19.19
C4 8K6 GA . -3.63 -16.82 -18.22
C5 8K6 GA . -4.15 -16.56 -16.82
C6 8K6 GA . -3.39 -15.50 -16.07
C7 8K6 GA . -4.06 -15.07 -14.78
C1 GOL HA . -7.31 11.22 -2.76
O1 GOL HA . -8.03 11.21 -3.96
C2 GOL HA . -7.89 10.19 -1.79
O2 GOL HA . -6.84 9.47 -1.19
C3 GOL HA . -8.81 9.24 -2.53
O3 GOL HA . -9.32 8.28 -1.65
CAC FLC IA . -15.92 4.98 -3.52
CA FLC IA . -16.34 3.54 -3.71
CB FLC IA . -17.11 3.28 -5.01
CBC FLC IA . -16.14 3.28 -6.20
CG FLC IA . -17.85 1.93 -4.92
CGC FLC IA . -17.36 0.92 -3.88
OA1 FLC IA . -16.64 5.71 -2.83
OA2 FLC IA . -14.90 5.38 -4.10
OB1 FLC IA . -16.28 4.17 -7.07
OB2 FLC IA . -15.25 2.40 -6.22
OG1 FLC IA . -17.70 1.08 -2.70
OG2 FLC IA . -16.68 -0.02 -4.28
OHB FLC IA . -18.07 4.31 -5.15
NA NA JA . -15.70 -1.50 -10.28
NA NA KA . -12.45 -1.31 -11.71
NA NA LA . -17.51 -0.94 -0.95
C9 OLC MA . 10.10 9.02 -29.94
C8 OLC MA . 10.09 8.04 -31.10
C24 OLC MA . 5.59 -1.66 -37.98
C7 OLC MA . 8.66 7.79 -31.55
C6 OLC MA . 8.59 6.87 -32.76
C5 OLC MA . 7.14 6.62 -33.17
C4 OLC MA . 7.01 6.38 -34.69
C3 OLC MA . 7.45 4.98 -35.09
C2 OLC MA . 6.27 4.16 -35.61
C21 OLC MA . 6.30 0.66 -37.33
C1 OLC MA . 6.76 2.90 -36.29
C22 OLC MA . 5.17 -0.36 -37.30
O19 OLC MA . 7.95 2.75 -36.51
O25 OLC MA . 6.11 -1.41 -39.28
O23 OLC MA . 4.82 -0.60 -35.94
O20 OLC MA . 5.83 1.84 -36.67
C18 OLC NA . 3.23 5.87 -36.77
C10 OLC NA . 1.42 -1.73 -40.24
C9 OLC NA . 1.44 -2.98 -39.79
C17 OLC NA . 2.95 4.41 -37.11
C11 OLC NA . 2.65 -1.24 -40.96
C8 OLC NA . 0.25 -3.55 -39.06
C24 OLC NA . -5.11 -10.46 -38.80
C16 OLC NA . 2.88 4.20 -38.61
C12 OLC NA . 2.99 0.15 -40.46
C7 OLC NA . 0.07 -5.00 -39.50
C15 OLC NA . 2.60 2.74 -38.95
C13 OLC NA . 1.89 1.15 -40.77
C6 OLC NA . -0.71 -5.12 -40.80
C14 OLC NA . 2.37 2.56 -40.44
C5 OLC NA . -1.26 -6.53 -40.98
C4 OLC NA . -1.79 -7.10 -39.67
C3 OLC NA . -3.14 -6.48 -39.28
C2 OLC NA . -3.20 -6.30 -37.76
C21 OLC NA . -6.19 -8.71 -37.35
C1 OLC NA . -4.51 -6.85 -37.26
C22 OLC NA . -6.42 -9.99 -38.17
O19 OLC NA . -5.21 -6.20 -36.50
O25 OLC NA . -5.36 -11.42 -39.84
O23 OLC NA . -6.94 -11.01 -37.30
O20 OLC NA . -4.93 -8.16 -37.71
C24 OLC OA . 2.08 18.49 3.19
C2 OLC OA . 3.15 22.56 5.85
C21 OLC OA . 1.39 20.86 2.89
C1 OLC OA . 2.74 22.30 4.42
C22 OLC OA . 0.96 19.42 2.70
O19 OLC OA . 2.77 23.20 3.60
O25 OLC OA . 1.72 17.13 2.90
O23 OLC OA . -0.24 19.16 3.45
O20 OLC OA . 2.29 20.98 3.99
C18 OLC PA . -3.72 -10.88 -15.84
C10 OLC PA . -3.00 -15.32 -22.61
C9 OLC PA . -3.55 -15.90 -23.68
C17 OLC PA . -2.78 -10.40 -16.93
C11 OLC PA . -1.53 -15.02 -22.51
C8 OLC PA . -2.76 -16.38 -24.88
C24 OLC PA . 1.14 -18.07 -36.13
C16 OLC PA . -1.70 -11.43 -17.23
C12 OLC PA . -1.31 -13.72 -21.72
C7 OLC PA . -3.65 -17.33 -25.69
C15 OLC PA . -2.20 -12.52 -18.18
C13 OLC PA . -1.74 -13.85 -20.26
C6 OLC PA . -3.01 -17.74 -27.02
C14 OLC PA . -1.30 -12.65 -19.42
C5 OLC PA . -4.07 -18.07 -28.08
C4 OLC PA . -3.49 -18.81 -29.28
C3 OLC PA . -2.38 -18.01 -29.96
C2 OLC PA . -2.82 -17.35 -31.26
C21 OLC PA . -0.10 -17.49 -34.03
C1 OLC PA . -1.61 -17.02 -32.11
C22 OLC PA . 0.25 -18.63 -35.01
O19 OLC PA . -1.02 -15.97 -31.95
O25 OLC PA . 0.49 -16.99 -36.78
O23 OLC PA . 0.95 -19.68 -34.33
O20 OLC PA . -1.10 -17.94 -33.11
C1 8K6 QA . -9.15 -13.26 -14.22
C2 8K6 QA . -8.93 -12.03 -13.38
C3 8K6 QA . -9.89 -11.88 -12.22
C4 8K6 QA . -9.56 -10.74 -11.29
C5 8K6 QA . -10.29 -10.79 -9.97
C6 8K6 QA . -9.80 -9.76 -8.97
C7 8K6 QA . -10.30 -9.99 -7.56
C8 8K6 QA . -9.56 -11.08 -6.80
C9 8K6 QA . -10.46 -11.93 -5.92
C11 8K6 RA . -16.10 -9.37 -37.01
C12 8K6 RA . -17.32 -10.18 -36.64
C13 8K6 RA . -18.43 -9.36 -36.03
C14 8K6 RA . -18.80 -9.78 -34.61
C15 8K6 RA . -18.90 -8.61 -33.64
C16 8K6 RA . -19.44 -9.00 -32.29
C17 8K6 RA . -19.85 -7.81 -31.44
C18 8K6 RA . -19.62 -8.04 -29.95
C11 8K6 SA . -15.57 -14.05 -34.47
C12 8K6 SA . -16.62 -14.02 -33.37
C13 8K6 SA . -16.09 -14.38 -32.00
C14 8K6 SA . -17.12 -14.31 -30.89
C15 8K6 SA . -17.89 -13.00 -30.85
C16 8K6 SA . -18.31 -12.56 -29.46
C17 8K6 SA . -18.97 -11.20 -29.43
C18 8K6 SA . -19.30 -10.70 -28.03
C12 8K6 TA . -0.30 0.17 -46.04
C13 8K6 TA . 0.75 0.95 -45.28
C14 8K6 TA . 0.41 2.41 -45.08
C15 8K6 TA . 0.52 2.88 -43.64
C16 8K6 TA . 0.24 4.35 -43.44
C17 8K6 TA . 0.12 4.76 -42.00
C18 8K6 TA . -0.59 6.09 -41.80
C11 8K6 UA . 4.19 8.21 -34.61
C12 8K6 UA . 3.07 8.79 -33.77
C13 8K6 UA . 3.49 9.93 -32.85
C14 8K6 UA . 2.34 10.56 -32.09
C15 8K6 UA . 2.75 11.61 -31.08
C16 8K6 UA . 1.59 12.20 -30.29
C17 8K6 UA . 1.96 12.68 -28.91
C18 8K6 UA . 0.78 13.16 -28.11
C12 8K6 VA . 8.45 4.39 -27.22
C13 8K6 VA . 9.25 5.54 -26.64
C14 8K6 VA . 8.49 6.84 -26.57
C15 8K6 VA . 9.38 8.06 -26.46
C16 8K6 VA . 8.83 9.14 -25.55
C17 8K6 VA . 9.05 10.54 -26.07
C18 8K6 VA . 8.62 11.63 -25.10
C11 8K6 WA . -14.63 0.37 -34.35
C12 8K6 WA . -14.06 0.23 -32.96
C13 8K6 WA . -14.87 -0.66 -32.04
C14 8K6 WA . -14.35 -0.72 -30.62
C15 8K6 WA . -15.28 -0.08 -29.60
C16 8K6 WA . -14.61 0.94 -28.70
C17 8K6 WA . -15.31 1.16 -27.37
C18 8K6 WA . -14.71 2.28 -26.54
C1 8K6 XA . -15.41 -14.97 -24.77
C2 8K6 XA . -15.71 -14.85 -23.28
C3 8K6 XA . -15.18 -13.52 -22.76
C4 8K6 XA . -16.31 -12.71 -22.13
C5 8K6 XA . -17.09 -13.58 -21.14
C1 GOL YA . -2.50 11.33 5.02
O1 GOL YA . -3.17 12.45 5.57
C2 GOL YA . -3.44 10.62 4.06
O2 GOL YA . -2.67 10.03 3.04
C3 GOL YA . -4.21 9.53 4.82
O3 GOL YA . -5.50 9.40 4.26
C1 GOL ZA . -15.23 -17.97 -27.41
O1 GOL ZA . -16.03 -16.81 -27.24
C2 GOL ZA . -14.82 -18.09 -28.86
O2 GOL ZA . -13.56 -18.71 -28.97
C3 GOL ZA . -14.77 -16.71 -29.50
O3 GOL ZA . -14.36 -16.83 -30.85
#